data_4CFS
#
_entry.id   4CFS
#
_cell.length_a   44.730
_cell.length_b   166.850
_cell.length_c   167.740
_cell.angle_alpha   90.00
_cell.angle_beta   90.00
_cell.angle_gamma   90.00
#
_symmetry.space_group_name_H-M   'P 21 21 21'
#
loop_
_entity.id
_entity.type
_entity.pdbx_description
1 polymer '1-H-3-HYDROXY-4-OXOQUINALDINE 2,4-DIOXYGENASE'
2 non-polymer 'POTASSIUM ION'
3 non-polymer 3-HYDROXY-2-METHYLQUINOLIN-4(1H)-ONE
4 non-polymer 'D(-)-TARTARIC ACID'
5 water water
#
_entity_poly.entity_id   1
_entity_poly.type   'polypeptide(L)'
_entity_poly.pdbx_seq_one_letter_code
;MRGSHHHHHHGSMDTYLHETLVFDNKLSYIDNQRDTDGPAILLLPGWCHDHRVYKYLIQELDADFRVIVPNWRGHGLSPS
EVPDFGYQEQVKDALEILDQLGVETFLPVSHSHGGWVLVELLEQAGPERAPRGIIMDWLMWAPKPDFAKSLTLLKDPERW
REGTHGLFDVWLDGHDEKRVRHHLLEEMADYGYDCWGRSGRVIEDAYGRNGSPMQMMANLTKTRPIRHIFSQPTEPEYEK
INSDFAEQHPWFSYAKLGGPTAFPAIDVPDRAAVHIREFATAIRQGN
;
_entity_poly.pdbx_strand_id   A,B,C,D
#
# COMPACT_ATOMS: atom_id res chain seq x y z
N ASP A 14 -13.47 -10.19 -19.37
CA ASP A 14 -12.60 -11.16 -20.10
C ASP A 14 -13.44 -12.35 -20.59
N THR A 15 -12.87 -13.11 -21.52
CA THR A 15 -13.43 -14.40 -21.91
C THR A 15 -13.59 -15.39 -20.73
N TYR A 16 -12.76 -15.26 -19.71
CA TYR A 16 -12.66 -16.24 -18.61
C TYR A 16 -13.60 -15.98 -17.43
N LEU A 17 -14.47 -14.98 -17.53
CA LEU A 17 -15.28 -14.58 -16.40
C LEU A 17 -16.54 -15.44 -16.25
N HIS A 18 -16.79 -15.91 -15.04
CA HIS A 18 -17.97 -16.71 -14.71
C HIS A 18 -18.72 -16.14 -13.52
N GLU A 19 -19.89 -16.72 -13.25
CA GLU A 19 -20.69 -16.40 -12.06
C GLU A 19 -21.28 -17.68 -11.52
N THR A 20 -21.31 -17.81 -10.19
CA THR A 20 -21.95 -18.94 -9.54
C THR A 20 -22.52 -18.56 -8.19
N LEU A 21 -23.50 -19.34 -7.75
CA LEU A 21 -24.11 -19.12 -6.45
C LEU A 21 -23.21 -19.73 -5.37
N VAL A 22 -22.83 -18.90 -4.41
CA VAL A 22 -21.95 -19.30 -3.33
C VAL A 22 -22.72 -19.03 -2.04
N PHE A 23 -23.28 -20.09 -1.47
CA PHE A 23 -24.20 -19.99 -0.34
C PHE A 23 -25.38 -19.07 -0.73
N ASP A 24 -25.45 -17.86 -0.19
CA ASP A 24 -26.56 -16.94 -0.50
C ASP A 24 -26.30 -15.97 -1.65
N ASN A 25 -25.05 -15.91 -2.13
CA ASN A 25 -24.62 -14.81 -2.99
C ASN A 25 -24.17 -15.28 -4.35
N LYS A 26 -24.55 -14.53 -5.36
CA LYS A 26 -24.03 -14.74 -6.70
C LYS A 26 -22.68 -14.03 -6.80
N LEU A 27 -21.62 -14.81 -6.97
CA LEU A 27 -20.28 -14.22 -7.08
C LEU A 27 -19.71 -14.47 -8.45
N SER A 28 -19.07 -13.46 -9.01
CA SER A 28 -18.28 -13.64 -10.22
C SER A 28 -16.89 -14.10 -9.83
N TYR A 29 -16.22 -14.73 -10.81
CA TYR A 29 -14.87 -15.18 -10.66
C TYR A 29 -14.22 -15.42 -12.03
N ILE A 30 -12.91 -15.22 -12.13
CA ILE A 30 -12.14 -15.65 -13.28
C ILE A 30 -11.74 -17.12 -13.12
N ASP A 31 -11.79 -17.85 -14.23
CA ASP A 31 -11.25 -19.22 -14.33
C ASP A 31 -10.87 -19.48 -15.78
N ASN A 32 -9.58 -19.65 -16.06
CA ASN A 32 -9.13 -19.94 -17.41
C ASN A 32 -9.31 -21.42 -17.78
N GLN A 33 -9.73 -22.23 -16.81
CA GLN A 33 -10.04 -23.64 -17.01
C GLN A 33 -8.90 -24.40 -17.68
N ARG A 34 -7.66 -23.95 -17.47
CA ARG A 34 -6.51 -24.56 -18.11
C ARG A 34 -6.37 -25.95 -17.52
N ASP A 35 -6.30 -26.95 -18.39
CA ASP A 35 -6.10 -28.32 -17.96
C ASP A 35 -4.59 -28.58 -17.94
N THR A 36 -4.01 -28.65 -16.75
CA THR A 36 -2.56 -28.82 -16.60
C THR A 36 -2.23 -29.29 -15.19
N ASP A 37 -0.95 -29.59 -14.95
CA ASP A 37 -0.48 -29.98 -13.62
C ASP A 37 -0.76 -28.90 -12.58
N GLY A 38 -1.05 -29.33 -11.35
CA GLY A 38 -1.23 -28.40 -10.23
C GLY A 38 0.11 -27.80 -9.84
N PRO A 39 0.09 -26.79 -8.95
CA PRO A 39 -1.10 -26.24 -8.30
C PRO A 39 -1.81 -25.18 -9.12
N ALA A 40 -3.07 -24.95 -8.81
CA ALA A 40 -3.81 -23.83 -9.36
C ALA A 40 -3.28 -22.56 -8.72
N ILE A 41 -3.25 -21.48 -9.47
CA ILE A 41 -2.89 -20.18 -8.92
C ILE A 41 -4.16 -19.40 -8.59
N LEU A 42 -4.33 -19.12 -7.30
CA LEU A 42 -5.48 -18.41 -6.78
C LEU A 42 -5.07 -16.97 -6.46
N LEU A 43 -5.44 -16.06 -7.37
CA LEU A 43 -5.19 -14.64 -7.17
C LEU A 43 -6.33 -14.02 -6.38
N LEU A 44 -5.99 -13.42 -5.25
CA LEU A 44 -6.96 -12.83 -4.33
C LEU A 44 -6.92 -11.29 -4.37
N PRO A 45 -8.04 -10.66 -4.79
CA PRO A 45 -8.16 -9.22 -4.74
C PRO A 45 -8.21 -8.68 -3.30
N GLY A 46 -7.77 -7.45 -3.14
CA GLY A 46 -8.06 -6.64 -1.96
C GLY A 46 -9.49 -6.19 -1.86
N TRP A 47 -9.70 -5.13 -1.09
CA TRP A 47 -11.03 -4.56 -0.90
C TRP A 47 -11.43 -3.51 -1.93
N CYS A 48 -12.64 -3.65 -2.46
CA CYS A 48 -13.29 -2.64 -3.31
C CYS A 48 -12.59 -2.51 -4.64
N HIS A 49 -12.05 -3.64 -5.10
CA HIS A 49 -11.70 -3.84 -6.48
C HIS A 49 -11.89 -5.31 -6.83
N ASP A 50 -11.74 -5.65 -8.11
CA ASP A 50 -12.04 -6.98 -8.61
C ASP A 50 -10.92 -7.52 -9.49
N HIS A 51 -11.17 -8.67 -10.11
CA HIS A 51 -10.25 -9.36 -11.02
C HIS A 51 -9.54 -8.49 -12.08
N ARG A 52 -10.11 -7.34 -12.43
CA ARG A 52 -9.44 -6.41 -13.37
C ARG A 52 -8.03 -6.00 -12.95
N VAL A 53 -7.78 -5.90 -11.63
CA VAL A 53 -6.42 -5.62 -11.12
C VAL A 53 -5.41 -6.64 -11.60
N TYR A 54 -5.87 -7.86 -11.89
CA TYR A 54 -4.97 -8.95 -12.26
C TYR A 54 -4.87 -9.24 -13.74
N LYS A 55 -5.49 -8.44 -14.59
CA LYS A 55 -5.53 -8.76 -16.02
C LYS A 55 -4.14 -8.95 -16.65
N TYR A 56 -3.15 -8.15 -16.25
CA TYR A 56 -1.83 -8.28 -16.84
C TYR A 56 -1.10 -9.49 -16.29
N LEU A 57 -1.32 -9.76 -15.00
CA LEU A 57 -0.71 -10.92 -14.35
C LEU A 57 -1.33 -12.23 -14.89
N ILE A 58 -2.64 -12.24 -15.12
CA ILE A 58 -3.30 -13.40 -15.72
C ILE A 58 -2.65 -13.75 -17.06
N GLN A 59 -2.39 -12.74 -17.89
CA GLN A 59 -1.71 -12.96 -19.18
C GLN A 59 -0.32 -13.57 -19.07
N GLU A 60 0.44 -13.18 -18.04
CA GLU A 60 1.78 -13.73 -17.82
C GLU A 60 1.72 -15.23 -17.49
N LEU A 61 0.68 -15.65 -16.79
CA LEU A 61 0.54 -17.01 -16.27
C LEU A 61 -0.40 -17.90 -17.08
N ASP A 62 -1.24 -17.29 -17.92
CA ASP A 62 -2.38 -17.95 -18.55
C ASP A 62 -1.99 -19.28 -19.18
N ALA A 63 -0.88 -19.28 -19.93
CA ALA A 63 -0.47 -20.44 -20.71
C ALA A 63 -0.07 -21.67 -19.89
N ASP A 64 0.52 -21.47 -18.72
CA ASP A 64 1.15 -22.58 -17.99
C ASP A 64 0.42 -23.02 -16.74
N PHE A 65 -0.61 -22.29 -16.35
CA PHE A 65 -1.26 -22.56 -15.07
C PHE A 65 -2.75 -22.40 -15.21
N ARG A 66 -3.46 -23.13 -14.36
CA ARG A 66 -4.83 -22.81 -14.08
C ARG A 66 -4.87 -21.61 -13.13
N VAL A 67 -5.58 -20.57 -13.53
CA VAL A 67 -5.65 -19.34 -12.75
C VAL A 67 -7.10 -19.04 -12.38
N ILE A 68 -7.34 -18.86 -11.08
CA ILE A 68 -8.66 -18.57 -10.55
CA ILE A 68 -8.67 -18.55 -10.54
C ILE A 68 -8.60 -17.25 -9.78
N VAL A 69 -9.57 -16.38 -10.01
CA VAL A 69 -9.69 -15.12 -9.27
C VAL A 69 -11.12 -14.95 -8.74
N PRO A 70 -11.35 -15.20 -7.44
CA PRO A 70 -12.68 -14.90 -6.92
C PRO A 70 -12.92 -13.40 -6.68
N ASN A 71 -14.16 -12.95 -6.89
CA ASN A 71 -14.57 -11.62 -6.46
C ASN A 71 -15.44 -11.74 -5.25
N TRP A 72 -15.28 -10.78 -4.33
CA TRP A 72 -15.93 -10.85 -3.04
C TRP A 72 -17.39 -10.45 -3.16
N ARG A 73 -18.13 -10.66 -2.07
CA ARG A 73 -19.56 -10.30 -2.05
C ARG A 73 -19.71 -8.82 -2.36
N GLY A 74 -20.56 -8.51 -3.35
CA GLY A 74 -20.79 -7.13 -3.74
C GLY A 74 -19.72 -6.56 -4.64
N HIS A 75 -18.73 -7.37 -5.03
CA HIS A 75 -17.63 -6.93 -5.87
C HIS A 75 -17.80 -7.49 -7.26
N GLY A 76 -17.28 -6.78 -8.23
CA GLY A 76 -17.31 -7.21 -9.60
C GLY A 76 -17.57 -6.05 -10.52
N LEU A 77 -17.77 -6.37 -11.80
CA LEU A 77 -18.09 -5.37 -12.82
C LEU A 77 -19.34 -4.59 -12.46
N SER A 78 -20.27 -5.26 -11.77
CA SER A 78 -21.46 -4.61 -11.25
C SER A 78 -21.47 -4.67 -9.70
N PRO A 79 -20.79 -3.71 -9.04
CA PRO A 79 -20.81 -3.71 -7.58
C PRO A 79 -22.22 -3.62 -7.05
N SER A 80 -22.48 -4.22 -5.91
CA SER A 80 -23.78 -4.11 -5.28
C SER A 80 -23.65 -4.03 -3.76
N GLU A 81 -24.69 -3.47 -3.14
CA GLU A 81 -24.82 -3.41 -1.71
C GLU A 81 -25.10 -4.84 -1.20
N VAL A 82 -24.41 -5.24 -0.13
CA VAL A 82 -24.63 -6.55 0.48
C VAL A 82 -24.54 -6.45 2.01
N PRO A 83 -24.99 -7.48 2.74
CA PRO A 83 -24.85 -7.48 4.20
C PRO A 83 -23.38 -7.54 4.64
N ASP A 84 -23.09 -6.96 5.80
CA ASP A 84 -21.72 -6.92 6.34
C ASP A 84 -21.05 -8.29 6.41
N PHE A 85 -19.78 -8.33 6.00
CA PHE A 85 -18.98 -9.55 6.08
C PHE A 85 -17.53 -9.12 6.17
N GLY A 86 -16.66 -10.07 6.51
CA GLY A 86 -15.25 -9.80 6.74
C GLY A 86 -14.40 -10.88 6.14
N TYR A 87 -13.12 -10.93 6.51
CA TYR A 87 -12.19 -11.82 5.84
C TYR A 87 -12.46 -13.31 6.07
N GLN A 88 -13.03 -13.65 7.21
CA GLN A 88 -13.47 -15.03 7.47
C GLN A 88 -14.44 -15.51 6.38
N GLU A 89 -15.37 -14.64 6.00
CA GLU A 89 -16.35 -14.95 4.97
C GLU A 89 -15.69 -14.98 3.59
N GLN A 90 -14.74 -14.08 3.37
CA GLN A 90 -13.98 -14.14 2.12
C GLN A 90 -13.33 -15.52 1.96
N VAL A 91 -12.79 -16.06 3.05
CA VAL A 91 -12.14 -17.36 3.04
C VAL A 91 -13.12 -18.49 2.69
N LYS A 92 -14.28 -18.50 3.35
CA LYS A 92 -15.30 -19.52 3.07
C LYS A 92 -15.75 -19.42 1.63
N ASP A 93 -15.97 -18.19 1.15
CA ASP A 93 -16.38 -17.96 -0.22
C ASP A 93 -15.37 -18.58 -1.20
N ALA A 94 -14.08 -18.30 -0.98
CA ALA A 94 -13.02 -18.77 -1.86
C ALA A 94 -12.90 -20.29 -1.89
N LEU A 95 -12.99 -20.93 -0.73
CA LEU A 95 -12.91 -22.39 -0.65
C LEU A 95 -14.10 -23.07 -1.33
N GLU A 96 -15.29 -22.49 -1.18
CA GLU A 96 -16.51 -23.02 -1.81
C GLU A 96 -16.37 -22.96 -3.33
N ILE A 97 -15.84 -21.87 -3.85
CA ILE A 97 -15.57 -21.76 -5.29
C ILE A 97 -14.60 -22.85 -5.72
N LEU A 98 -13.52 -23.04 -4.95
CA LEU A 98 -12.54 -24.09 -5.23
C LEU A 98 -13.18 -25.47 -5.19
N ASP A 99 -14.05 -25.69 -4.20
CA ASP A 99 -14.77 -26.96 -4.08
C ASP A 99 -15.66 -27.17 -5.29
N GLN A 100 -16.38 -26.14 -5.71
CA GLN A 100 -17.27 -26.24 -6.87
C GLN A 100 -16.50 -26.55 -8.15
N LEU A 101 -15.27 -26.03 -8.26
CA LEU A 101 -14.42 -26.26 -9.41
C LEU A 101 -13.63 -27.57 -9.35
N GLY A 102 -13.64 -28.23 -8.20
CA GLY A 102 -12.86 -29.46 -8.00
C GLY A 102 -11.37 -29.22 -7.96
N VAL A 103 -10.95 -28.08 -7.39
CA VAL A 103 -9.53 -27.76 -7.24
C VAL A 103 -9.06 -28.26 -5.88
N GLU A 104 -8.00 -29.07 -5.88
CA GLU A 104 -7.43 -29.57 -4.64
C GLU A 104 -6.31 -28.63 -4.18
N THR A 105 -5.16 -28.68 -4.84
CA THR A 105 -3.98 -27.94 -4.40
C THR A 105 -3.91 -26.60 -5.10
N PHE A 106 -3.58 -25.55 -4.35
CA PHE A 106 -3.51 -24.21 -4.91
C PHE A 106 -2.44 -23.35 -4.24
N LEU A 107 -1.93 -22.40 -5.02
CA LEU A 107 -0.98 -21.42 -4.53
C LEU A 107 -1.70 -20.08 -4.49
N PRO A 108 -2.05 -19.60 -3.29
CA PRO A 108 -2.70 -18.30 -3.15
C PRO A 108 -1.71 -17.15 -3.27
N VAL A 109 -2.17 -16.09 -3.90
CA VAL A 109 -1.40 -14.88 -4.14
C VAL A 109 -2.34 -13.72 -3.87
N SER A 110 -1.98 -12.86 -2.92
CA SER A 110 -2.84 -11.72 -2.55
C SER A 110 -2.28 -10.37 -2.92
N HIS A 111 -3.20 -9.40 -3.03
CA HIS A 111 -2.84 -8.04 -3.18
C HIS A 111 -3.24 -7.28 -1.94
N SER A 112 -2.26 -6.60 -1.34
CA SER A 112 -2.52 -5.75 -0.18
C SER A 112 -3.40 -6.46 0.85
N HIS A 113 -4.52 -5.88 1.24
CA HIS A 113 -5.31 -6.42 2.34
C HIS A 113 -6.17 -7.63 2.00
N GLY A 114 -6.04 -8.09 0.76
CA GLY A 114 -6.38 -9.45 0.43
C GLY A 114 -5.54 -10.45 1.22
N GLY A 115 -4.43 -10.01 1.80
CA GLY A 115 -3.55 -10.87 2.58
C GLY A 115 -4.22 -11.46 3.82
N TRP A 116 -5.15 -10.73 4.41
CA TRP A 116 -5.91 -11.26 5.55
C TRP A 116 -6.65 -12.55 5.16
N VAL A 117 -7.21 -12.54 3.95
CA VAL A 117 -7.86 -13.71 3.36
C VAL A 117 -6.85 -14.79 3.09
N LEU A 118 -5.69 -14.43 2.53
CA LEU A 118 -4.66 -15.42 2.22
C LEU A 118 -4.16 -16.18 3.46
N VAL A 119 -3.85 -15.45 4.52
CA VAL A 119 -3.28 -16.06 5.73
C VAL A 119 -4.33 -16.96 6.40
N GLU A 120 -5.55 -16.47 6.55
CA GLU A 120 -6.62 -17.25 7.14
C GLU A 120 -6.96 -18.45 6.26
N LEU A 121 -6.85 -18.27 4.95
CA LEU A 121 -6.98 -19.38 4.00
C LEU A 121 -5.90 -20.45 4.20
N LEU A 122 -4.66 -20.04 4.42
CA LEU A 122 -3.60 -20.99 4.72
C LEU A 122 -3.91 -21.80 5.98
N GLU A 123 -4.44 -21.14 7.01
CA GLU A 123 -4.82 -21.80 8.24
C GLU A 123 -5.93 -22.81 8.00
N GLN A 124 -6.99 -22.36 7.36
CA GLN A 124 -8.17 -23.18 7.16
C GLN A 124 -7.98 -24.30 6.16
N ALA A 125 -7.25 -24.05 5.09
CA ALA A 125 -7.00 -25.08 4.08
C ALA A 125 -5.92 -26.08 4.49
N GLY A 126 -4.96 -25.63 5.31
CA GLY A 126 -3.86 -26.49 5.74
C GLY A 126 -2.76 -26.61 4.71
N PRO A 127 -1.57 -27.09 5.14
CA PRO A 127 -0.37 -27.11 4.31
C PRO A 127 -0.36 -28.07 3.12
N GLU A 128 -1.21 -29.09 3.12
CA GLU A 128 -1.25 -30.01 1.97
C GLU A 128 -2.02 -29.42 0.80
N ARG A 129 -3.16 -28.80 1.08
CA ARG A 129 -3.92 -28.09 0.05
C ARG A 129 -3.25 -26.77 -0.37
N ALA A 130 -2.65 -26.07 0.60
CA ALA A 130 -2.10 -24.73 0.38
C ALA A 130 -0.69 -24.66 0.97
N PRO A 131 0.30 -25.26 0.26
CA PRO A 131 1.64 -25.45 0.82
C PRO A 131 2.48 -24.18 0.91
N ARG A 132 2.17 -23.18 0.11
CA ARG A 132 2.89 -21.90 0.12
C ARG A 132 1.94 -20.74 -0.13
N GLY A 133 2.42 -19.52 0.04
CA GLY A 133 1.64 -18.35 -0.37
C GLY A 133 2.54 -17.18 -0.74
N ILE A 134 2.03 -16.32 -1.61
CA ILE A 134 2.72 -15.07 -1.95
C ILE A 134 1.80 -13.92 -1.56
N ILE A 135 2.32 -12.99 -0.79
CA ILE A 135 1.62 -11.77 -0.43
C ILE A 135 2.30 -10.59 -1.17
N MET A 136 1.49 -9.81 -1.88
CA MET A 136 2.02 -8.65 -2.59
C MET A 136 1.65 -7.37 -1.88
N ASP A 137 2.64 -6.50 -1.72
CA ASP A 137 2.46 -5.14 -1.21
C ASP A 137 1.40 -4.95 -0.13
N TRP A 138 1.71 -5.46 1.05
CA TRP A 138 0.78 -5.52 2.17
C TRP A 138 1.48 -4.96 3.38
N LEU A 139 0.90 -3.90 3.94
CA LEU A 139 1.51 -3.19 5.07
C LEU A 139 1.73 -4.12 6.26
N MET A 140 3.00 -4.45 6.48
CA MET A 140 3.42 -5.44 7.48
C MET A 140 3.38 -4.96 8.93
N TRP A 141 3.58 -3.66 9.12
CA TRP A 141 3.49 -3.08 10.46
C TRP A 141 2.07 -2.60 10.74
N ALA A 142 1.77 -2.38 12.02
CA ALA A 142 0.47 -1.80 12.41
C ALA A 142 0.36 -0.37 11.84
N PRO A 143 -0.87 0.10 11.62
CA PRO A 143 -1.04 1.37 10.89
C PRO A 143 -0.26 2.53 11.47
N LYS A 144 0.48 3.22 10.62
CA LYS A 144 1.07 4.52 10.91
C LYS A 144 -0.04 5.57 10.86
N PRO A 145 0.24 6.81 11.36
CA PRO A 145 -0.80 7.84 11.43
C PRO A 145 -1.54 8.12 10.12
N ASP A 146 -0.80 8.26 9.03
CA ASP A 146 -1.43 8.58 7.74
C ASP A 146 -2.43 7.52 7.28
N PHE A 147 -2.05 6.24 7.36
CA PHE A 147 -2.94 5.16 6.98
C PHE A 147 -4.11 5.00 7.96
N ALA A 148 -3.82 5.14 9.25
CA ALA A 148 -4.85 5.09 10.28
C ALA A 148 -5.90 6.16 10.00
N LYS A 149 -5.43 7.36 9.69
CA LYS A 149 -6.30 8.47 9.27
C LYS A 149 -7.17 8.11 8.06
N SER A 150 -6.54 7.51 7.04
CA SER A 150 -7.27 7.04 5.85
C SER A 150 -8.41 6.07 6.20
N LEU A 151 -8.14 5.12 7.08
CA LEU A 151 -9.18 4.17 7.49
C LEU A 151 -10.33 4.90 8.18
N THR A 152 -9.99 5.86 9.03
CA THR A 152 -10.99 6.71 9.70
C THR A 152 -11.87 7.41 8.70
N LEU A 153 -11.26 7.94 7.64
CA LEU A 153 -11.99 8.61 6.58
C LEU A 153 -12.90 7.67 5.79
N LEU A 154 -12.43 6.46 5.49
CA LEU A 154 -13.21 5.50 4.74
C LEU A 154 -14.51 5.16 5.48
N LYS A 155 -14.42 5.08 6.79
CA LYS A 155 -15.55 4.72 7.65
C LYS A 155 -16.60 5.83 7.76
N ASP A 156 -16.20 7.07 7.46
CA ASP A 156 -17.07 8.24 7.53
C ASP A 156 -17.97 8.41 6.29
N PRO A 157 -19.30 8.31 6.47
CA PRO A 157 -20.19 8.47 5.32
C PRO A 157 -20.10 9.84 4.64
N GLU A 158 -19.57 10.84 5.34
CA GLU A 158 -19.35 12.17 4.75
C GLU A 158 -17.96 12.37 4.10
N ARG A 159 -17.01 11.49 4.37
CA ARG A 159 -15.62 11.70 3.91
C ARG A 159 -14.98 10.48 3.25
N TRP A 160 -15.77 9.46 2.93
CA TRP A 160 -15.21 8.21 2.41
C TRP A 160 -14.46 8.43 1.08
N ARG A 161 -15.04 9.26 0.19
CA ARG A 161 -14.43 9.46 -1.13
C ARG A 161 -13.09 10.19 -1.01
N GLU A 162 -13.06 11.19 -0.14
CA GLU A 162 -11.85 11.86 0.26
C GLU A 162 -10.83 10.84 0.78
N GLY A 163 -11.30 9.87 1.56
CA GLY A 163 -10.45 8.77 2.02
C GLY A 163 -9.79 8.01 0.89
N THR A 164 -10.60 7.62 -0.10
CA THR A 164 -10.10 6.86 -1.25
C THR A 164 -9.10 7.68 -2.02
N HIS A 165 -9.34 8.99 -2.14
CA HIS A 165 -8.45 9.87 -2.89
C HIS A 165 -7.08 9.98 -2.23
N GLY A 166 -7.08 10.08 -0.90
CA GLY A 166 -5.84 10.07 -0.13
C GLY A 166 -5.04 8.78 -0.30
N LEU A 167 -5.73 7.65 -0.40
CA LEU A 167 -5.05 6.37 -0.63
C LEU A 167 -4.53 6.31 -2.05
N PHE A 168 -5.32 6.78 -3.01
CA PHE A 168 -4.87 6.82 -4.40
C PHE A 168 -3.56 7.61 -4.51
N ASP A 169 -3.46 8.73 -3.80
CA ASP A 169 -2.23 9.55 -3.78
C ASP A 169 -1.05 8.75 -3.27
N VAL A 170 -1.24 8.05 -2.15
CA VAL A 170 -0.19 7.23 -1.55
C VAL A 170 0.22 6.11 -2.50
N TRP A 171 -0.76 5.42 -3.06
CA TRP A 171 -0.50 4.25 -3.91
C TRP A 171 0.24 4.60 -5.21
N LEU A 172 -0.11 5.75 -5.79
CA LEU A 172 0.56 6.23 -7.01
C LEU A 172 1.93 6.81 -6.75
N ASP A 173 2.15 7.32 -5.55
CA ASP A 173 3.45 7.81 -5.06
C ASP A 173 4.13 8.79 -6.00
N GLY A 174 3.34 9.72 -6.55
CA GLY A 174 3.86 10.78 -7.40
C GLY A 174 4.09 10.40 -8.85
N HIS A 175 3.62 9.24 -9.27
CA HIS A 175 3.87 8.74 -10.61
C HIS A 175 2.66 8.90 -11.50
N ASP A 176 2.90 9.35 -12.73
CA ASP A 176 1.86 9.35 -13.77
C ASP A 176 1.84 7.97 -14.44
N GLU A 177 1.44 6.94 -13.68
CA GLU A 177 1.47 5.57 -14.14
C GLU A 177 0.13 5.22 -14.75
N LYS A 178 0.10 5.23 -16.09
CA LYS A 178 -1.15 5.19 -16.84
C LYS A 178 -2.08 4.02 -16.44
N ARG A 179 -1.51 2.82 -16.38
CA ARG A 179 -2.29 1.61 -16.09
C ARG A 179 -2.85 1.54 -14.67
N VAL A 180 -2.08 2.03 -13.70
CA VAL A 180 -2.52 2.01 -12.31
C VAL A 180 -3.56 3.11 -12.08
N ARG A 181 -3.34 4.27 -12.72
CA ARG A 181 -4.33 5.33 -12.72
C ARG A 181 -5.68 4.86 -13.28
N HIS A 182 -5.67 4.12 -14.38
CA HIS A 182 -6.88 3.58 -14.96
C HIS A 182 -7.59 2.65 -13.98
N HIS A 183 -6.81 1.81 -13.31
CA HIS A 183 -7.39 0.91 -12.33
C HIS A 183 -8.11 1.66 -11.20
N LEU A 184 -7.44 2.64 -10.61
CA LEU A 184 -7.99 3.37 -9.46
C LEU A 184 -9.16 4.28 -9.85
N LEU A 185 -9.06 4.93 -10.99
CA LEU A 185 -10.01 5.99 -11.34
C LEU A 185 -11.18 5.51 -12.17
N GLU A 186 -10.98 4.44 -12.92
CA GLU A 186 -12.02 3.85 -13.74
C GLU A 186 -12.50 2.51 -13.19
N GLU A 187 -11.58 1.63 -12.87
CA GLU A 187 -11.94 0.27 -12.46
C GLU A 187 -12.42 0.16 -11.01
N MET A 188 -12.18 1.18 -10.20
CA MET A 188 -12.77 1.25 -8.85
C MET A 188 -13.91 2.27 -8.72
N ALA A 189 -14.27 2.92 -9.82
CA ALA A 189 -15.19 4.05 -9.79
C ALA A 189 -16.62 3.68 -9.38
N ASP A 190 -17.04 2.45 -9.63
CA ASP A 190 -18.40 2.01 -9.33
C ASP A 190 -18.57 1.51 -7.89
N TYR A 191 -17.49 1.49 -7.12
CA TYR A 191 -17.57 1.06 -5.74
C TYR A 191 -17.94 2.26 -4.85
N GLY A 192 -18.89 2.05 -3.94
CA GLY A 192 -19.36 3.12 -3.07
C GLY A 192 -19.03 2.95 -1.59
N TYR A 193 -19.67 3.77 -0.76
CA TYR A 193 -19.47 3.75 0.69
C TYR A 193 -19.77 2.39 1.34
N ASP A 194 -20.72 1.62 0.77
CA ASP A 194 -21.02 0.31 1.32
C ASP A 194 -19.75 -0.55 1.37
N CYS A 195 -18.91 -0.45 0.33
CA CYS A 195 -17.68 -1.24 0.30
C CYS A 195 -16.56 -0.58 1.06
N TRP A 196 -16.32 0.69 0.76
CA TRP A 196 -15.17 1.40 1.32
C TRP A 196 -15.28 1.55 2.83
N GLY A 197 -16.48 1.87 3.31
CA GLY A 197 -16.71 1.87 4.75
C GLY A 197 -16.43 0.51 5.37
N ARG A 198 -16.93 -0.55 4.71
CA ARG A 198 -16.73 -1.93 5.16
C ARG A 198 -15.24 -2.29 5.24
N SER A 199 -14.51 -1.96 4.19
CA SER A 199 -13.07 -2.21 4.14
C SER A 199 -12.33 -1.52 5.29
N GLY A 200 -12.71 -0.28 5.58
CA GLY A 200 -12.14 0.46 6.70
C GLY A 200 -12.35 -0.23 8.02
N ARG A 201 -13.58 -0.67 8.24
CA ARG A 201 -13.95 -1.38 9.47
C ARG A 201 -13.25 -2.74 9.59
N VAL A 202 -13.27 -3.51 8.51
CA VAL A 202 -12.66 -4.83 8.49
C VAL A 202 -11.13 -4.76 8.68
N ILE A 203 -10.46 -3.85 7.98
CA ILE A 203 -9.00 -3.78 8.07
C ILE A 203 -8.60 -3.30 9.46
N GLU A 204 -9.26 -2.26 9.93
CA GLU A 204 -9.01 -1.72 11.26
C GLU A 204 -9.21 -2.80 12.32
N ASP A 205 -10.27 -3.59 12.19
CA ASP A 205 -10.55 -4.71 13.10
C ASP A 205 -9.53 -5.84 12.99
N ALA A 206 -9.03 -6.11 11.78
CA ALA A 206 -8.03 -7.14 11.57
C ALA A 206 -6.71 -6.82 12.28
N TYR A 207 -6.25 -5.59 12.13
CA TYR A 207 -5.04 -5.14 12.81
C TYR A 207 -5.30 -5.21 14.31
N GLY A 208 -6.45 -4.68 14.75
CA GLY A 208 -6.81 -4.68 16.18
C GLY A 208 -6.83 -6.08 16.76
N ARG A 209 -7.46 -7.00 16.04
CA ARG A 209 -7.63 -8.39 16.47
C ARG A 209 -6.37 -9.24 16.34
N ASN A 210 -5.65 -9.13 15.22
CA ASN A 210 -4.45 -9.96 14.95
C ASN A 210 -3.11 -9.26 15.23
N GLY A 211 -3.16 -7.95 15.52
CA GLY A 211 -1.94 -7.16 15.73
C GLY A 211 -1.32 -6.63 14.46
N SER A 212 -0.89 -7.54 13.59
CA SER A 212 -0.30 -7.18 12.31
C SER A 212 -0.29 -8.40 11.41
N PRO A 213 -0.07 -8.21 10.10
CA PRO A 213 0.15 -9.35 9.21
C PRO A 213 1.30 -10.28 9.65
N MET A 214 2.38 -9.71 10.14
CA MET A 214 3.49 -10.50 10.65
C MET A 214 3.11 -11.34 11.88
N GLN A 215 2.38 -10.76 12.83
CA GLN A 215 1.90 -11.53 14.00
C GLN A 215 1.01 -12.69 13.57
N MET A 216 0.06 -12.40 12.69
CA MET A 216 -0.88 -13.39 12.17
C MET A 216 -0.16 -14.56 11.48
N MET A 217 0.83 -14.27 10.66
CA MET A 217 1.56 -15.32 9.96
C MET A 217 2.36 -16.18 10.93
N ALA A 218 3.07 -15.54 11.84
CA ALA A 218 3.83 -16.26 12.86
C ALA A 218 2.95 -17.15 13.74
N ASN A 219 1.67 -16.76 13.89
CA ASN A 219 0.70 -17.49 14.71
C ASN A 219 0.00 -18.64 13.99
N LEU A 220 0.35 -18.89 12.73
CA LEU A 220 -0.20 -20.03 11.97
C LEU A 220 0.11 -21.34 12.70
N THR A 221 -0.88 -22.23 12.76
CA THR A 221 -0.71 -23.54 13.38
C THR A 221 0.39 -24.33 12.66
N LYS A 222 0.36 -24.27 11.33
CA LYS A 222 1.37 -24.87 10.48
C LYS A 222 2.06 -23.79 9.62
N THR A 223 3.24 -23.33 10.04
CA THR A 223 3.97 -22.35 9.22
C THR A 223 4.50 -23.02 7.96
N ARG A 224 4.70 -22.19 6.94
CA ARG A 224 4.87 -22.61 5.55
C ARG A 224 5.64 -21.54 4.81
N PRO A 225 6.26 -21.89 3.67
CA PRO A 225 6.91 -20.83 2.88
C PRO A 225 5.97 -19.72 2.41
N ILE A 226 6.26 -18.49 2.85
CA ILE A 226 5.51 -17.30 2.43
C ILE A 226 6.52 -16.24 2.00
N ARG A 227 6.32 -15.66 0.83
CA ARG A 227 7.16 -14.55 0.38
C ARG A 227 6.34 -13.27 0.23
N HIS A 228 6.85 -12.18 0.79
CA HIS A 228 6.28 -10.85 0.59
C HIS A 228 7.02 -10.13 -0.53
N ILE A 229 6.32 -9.88 -1.63
CA ILE A 229 6.91 -9.12 -2.73
C ILE A 229 6.22 -7.76 -2.80
N PHE A 230 7.01 -6.68 -2.81
CA PHE A 230 6.46 -5.33 -2.65
C PHE A 230 7.31 -4.26 -3.31
N SER A 231 6.63 -3.18 -3.71
CA SER A 231 7.33 -2.00 -4.21
C SER A 231 7.30 -0.86 -3.20
N GLN A 232 6.27 -0.85 -2.36
CA GLN A 232 6.06 0.22 -1.39
CA GLN A 232 6.06 0.23 -1.40
C GLN A 232 5.74 -0.33 0.00
N PRO A 233 6.01 0.47 1.06
CA PRO A 233 6.66 1.79 1.06
C PRO A 233 8.12 1.64 0.69
N THR A 234 8.75 2.71 0.25
CA THR A 234 10.11 2.62 -0.29
C THR A 234 11.21 2.92 0.75
N GLU A 235 10.84 3.26 1.98
CA GLU A 235 11.82 3.65 3.02
C GLU A 235 12.65 2.45 3.52
N PRO A 236 13.91 2.71 3.92
CA PRO A 236 14.76 1.67 4.51
C PRO A 236 14.21 1.05 5.81
N GLU A 237 13.48 1.82 6.60
CA GLU A 237 12.90 1.30 7.84
C GLU A 237 11.90 0.17 7.54
N TYR A 238 11.23 0.24 6.40
CA TYR A 238 10.26 -0.78 6.02
C TYR A 238 10.96 -2.04 5.54
N GLU A 239 12.00 -1.88 4.74
CA GLU A 239 12.77 -3.03 4.31
C GLU A 239 13.40 -3.74 5.51
N LYS A 240 13.81 -2.95 6.48
CA LYS A 240 14.37 -3.50 7.70
C LYS A 240 13.42 -4.42 8.48
N ILE A 241 12.14 -4.09 8.59
CA ILE A 241 11.23 -4.97 9.34
C ILE A 241 10.98 -6.25 8.56
N ASN A 242 11.05 -6.19 7.24
CA ASN A 242 10.99 -7.39 6.42
C ASN A 242 12.25 -8.26 6.58
N SER A 243 13.42 -7.63 6.52
CA SER A 243 14.68 -8.32 6.75
CA SER A 243 14.70 -8.27 6.76
C SER A 243 14.76 -8.92 8.16
N ASP A 244 14.35 -8.18 9.18
CA ASP A 244 14.31 -8.71 10.55
C ASP A 244 13.36 -9.89 10.73
N PHE A 245 12.16 -9.81 10.15
CA PHE A 245 11.21 -10.90 10.22
C PHE A 245 11.76 -12.14 9.52
N ALA A 246 12.41 -11.92 8.38
CA ALA A 246 12.96 -13.01 7.58
C ALA A 246 14.14 -13.68 8.28
N GLU A 247 14.93 -12.87 8.97
CA GLU A 247 16.02 -13.37 9.84
C GLU A 247 15.47 -14.32 10.90
N GLN A 248 14.31 -13.99 11.46
CA GLN A 248 13.76 -14.74 12.58
C GLN A 248 13.01 -16.00 12.15
N HIS A 249 12.42 -16.00 10.95
CA HIS A 249 11.54 -17.07 10.51
C HIS A 249 12.04 -17.67 9.22
N PRO A 250 12.55 -18.92 9.27
CA PRO A 250 13.10 -19.60 8.10
C PRO A 250 12.15 -19.67 6.91
N TRP A 251 10.85 -19.70 7.21
CA TRP A 251 9.81 -19.88 6.19
C TRP A 251 9.44 -18.57 5.48
N PHE A 252 9.83 -17.43 6.03
CA PHE A 252 9.51 -16.13 5.41
C PHE A 252 10.62 -15.62 4.55
N SER A 253 10.27 -15.09 3.37
CA SER A 253 11.23 -14.38 2.52
C SER A 253 10.55 -13.14 1.96
N TYR A 254 11.34 -12.26 1.35
CA TYR A 254 10.76 -11.10 0.66
C TYR A 254 11.59 -10.71 -0.54
N ALA A 255 11.00 -9.89 -1.40
CA ALA A 255 11.72 -9.29 -2.51
C ALA A 255 11.18 -7.89 -2.78
N LYS A 256 12.09 -6.92 -2.84
CA LYS A 256 11.71 -5.56 -3.18
C LYS A 256 11.75 -5.44 -4.70
N LEU A 257 10.58 -5.22 -5.28
CA LEU A 257 10.42 -5.27 -6.73
C LEU A 257 10.76 -3.97 -7.43
N GLY A 258 10.80 -2.86 -6.72
CA GLY A 258 11.26 -1.60 -7.31
C GLY A 258 10.31 -0.93 -8.30
N GLY A 259 9.03 -1.33 -8.29
CA GLY A 259 8.04 -0.74 -9.20
C GLY A 259 7.65 0.63 -8.68
N PRO A 260 6.99 1.47 -9.51
CA PRO A 260 6.64 2.82 -9.10
C PRO A 260 5.48 2.91 -8.11
N THR A 261 4.49 2.01 -8.22
CA THR A 261 3.27 2.11 -7.42
C THR A 261 3.09 0.96 -6.43
N ALA A 262 2.03 1.07 -5.63
CA ALA A 262 1.67 0.02 -4.68
C ALA A 262 0.96 -1.15 -5.38
N PHE A 263 0.91 -1.15 -6.72
CA PHE A 263 0.23 -2.19 -7.49
C PHE A 263 1.19 -2.93 -8.43
N PRO A 264 2.11 -3.74 -7.87
CA PRO A 264 3.05 -4.47 -8.77
C PRO A 264 2.39 -5.46 -9.74
N ALA A 265 1.22 -5.99 -9.38
CA ALA A 265 0.50 -6.87 -10.27
C ALA A 265 0.19 -6.17 -11.58
N ILE A 266 -0.01 -4.84 -11.51
CA ILE A 266 -0.25 -4.00 -12.69
C ILE A 266 1.03 -3.45 -13.33
N ASP A 267 1.93 -2.90 -12.53
CA ASP A 267 3.06 -2.16 -13.11
C ASP A 267 4.36 -2.94 -13.26
N VAL A 268 4.49 -4.09 -12.60
CA VAL A 268 5.61 -4.98 -12.87
C VAL A 268 5.15 -6.45 -12.93
N PRO A 269 4.16 -6.75 -13.79
CA PRO A 269 3.51 -8.07 -13.81
C PRO A 269 4.46 -9.22 -14.13
N ASP A 270 5.46 -8.94 -14.95
CA ASP A 270 6.49 -9.91 -15.27
C ASP A 270 7.31 -10.30 -14.04
N ARG A 271 7.62 -9.33 -13.18
CA ARG A 271 8.35 -9.60 -11.96
C ARG A 271 7.51 -10.36 -10.94
N ALA A 272 6.27 -9.93 -10.74
CA ALA A 272 5.37 -10.66 -9.88
C ALA A 272 5.30 -12.12 -10.35
N ALA A 273 5.23 -12.30 -11.67
CA ALA A 273 5.04 -13.63 -12.25
C ALA A 273 6.22 -14.57 -11.97
N VAL A 274 7.45 -14.06 -12.03
CA VAL A 274 8.60 -14.93 -11.85
CA VAL A 274 8.61 -14.93 -11.83
C VAL A 274 8.66 -15.48 -10.41
N HIS A 275 8.21 -14.69 -9.43
CA HIS A 275 8.14 -15.12 -8.04
C HIS A 275 7.04 -16.16 -7.83
N ILE A 276 5.91 -15.94 -8.47
CA ILE A 276 4.82 -16.92 -8.48
C ILE A 276 5.27 -18.24 -9.12
N ARG A 277 5.89 -18.16 -10.29
CA ARG A 277 6.41 -19.37 -10.96
C ARG A 277 7.42 -20.13 -10.10
N GLU A 278 8.24 -19.38 -9.38
CA GLU A 278 9.24 -19.98 -8.50
C GLU A 278 8.58 -20.84 -7.42
N PHE A 279 7.54 -20.30 -6.78
CA PHE A 279 6.81 -21.01 -5.75
C PHE A 279 6.04 -22.19 -6.32
N ALA A 280 5.43 -22.03 -7.50
CA ALA A 280 4.69 -23.12 -8.15
C ALA A 280 5.62 -24.27 -8.55
N THR A 281 6.81 -23.93 -9.05
CA THR A 281 7.85 -24.91 -9.38
C THR A 281 8.33 -25.66 -8.15
N ALA A 282 8.52 -24.93 -7.04
CA ALA A 282 8.90 -25.55 -5.78
C ALA A 282 7.83 -26.55 -5.28
N ILE A 283 6.56 -26.19 -5.40
CA ILE A 283 5.47 -27.06 -4.98
C ILE A 283 5.47 -28.32 -5.83
N ARG A 284 5.64 -28.17 -7.14
CA ARG A 284 5.72 -29.31 -8.05
C ARG A 284 6.90 -30.26 -7.77
N GLN A 285 7.92 -29.81 -7.05
CA GLN A 285 9.03 -30.66 -6.64
C GLN A 285 8.95 -31.05 -5.16
N GLY A 286 7.78 -31.52 -4.73
CA GLY A 286 7.57 -31.97 -3.35
C GLY A 286 6.83 -30.95 -2.50
N ASP B 14 -20.64 -0.46 40.93
CA ASP B 14 -21.98 -1.06 41.17
C ASP B 14 -21.90 -2.57 41.33
N THR B 15 -23.03 -3.16 41.68
CA THR B 15 -23.15 -4.62 41.68
C THR B 15 -22.77 -5.14 40.28
N TYR B 16 -21.84 -6.11 40.18
CA TYR B 16 -21.59 -6.92 38.94
C TYR B 16 -20.75 -6.24 37.85
N LEU B 17 -20.21 -5.06 38.13
CA LEU B 17 -19.52 -4.26 37.13
C LEU B 17 -18.06 -4.68 36.93
N HIS B 18 -17.67 -4.88 35.67
CA HIS B 18 -16.30 -5.22 35.30
C HIS B 18 -15.74 -4.28 34.25
N GLU B 19 -14.46 -4.43 33.96
CA GLU B 19 -13.80 -3.71 32.87
C GLU B 19 -12.84 -4.67 32.17
N THR B 20 -12.76 -4.57 30.84
CA THR B 20 -11.82 -5.36 30.08
C THR B 20 -11.38 -4.62 28.81
N LEU B 21 -10.22 -5.00 28.31
CA LEU B 21 -9.69 -4.43 27.10
C LEU B 21 -10.36 -5.11 25.91
N VAL B 22 -10.97 -4.29 25.06
CA VAL B 22 -11.69 -4.77 23.88
C VAL B 22 -11.03 -4.10 22.68
N PHE B 23 -10.17 -4.86 22.01
CA PHE B 23 -9.30 -4.33 20.98
C PHE B 23 -8.44 -3.17 21.55
N ASP B 24 -8.73 -1.92 21.19
CA ASP B 24 -7.94 -0.77 21.68
C ASP B 24 -8.51 -0.10 22.93
N ASN B 25 -9.72 -0.47 23.34
CA ASN B 25 -10.47 0.30 24.32
C ASN B 25 -10.81 -0.47 25.57
N LYS B 26 -10.68 0.21 26.71
CA LYS B 26 -11.09 -0.34 27.98
C LYS B 26 -12.59 -0.10 28.10
N LEU B 27 -13.38 -1.16 28.10
CA LEU B 27 -14.81 -1.03 28.22
C LEU B 27 -15.29 -1.65 29.51
N SER B 28 -16.22 -0.97 30.17
CA SER B 28 -16.91 -1.56 31.31
C SER B 28 -18.11 -2.35 30.81
N TYR B 29 -18.56 -3.28 31.63
CA TYR B 29 -19.72 -4.10 31.35
C TYR B 29 -20.25 -4.71 32.63
N ILE B 30 -21.56 -4.95 32.68
CA ILE B 30 -22.17 -5.74 33.72
C ILE B 30 -22.09 -7.24 33.32
N ASP B 31 -21.84 -8.09 34.32
CA ASP B 31 -21.94 -9.53 34.19
C ASP B 31 -22.22 -10.12 35.56
N ASN B 32 -23.42 -10.69 35.75
CA ASN B 32 -23.76 -11.32 37.02
C ASN B 32 -23.14 -12.70 37.19
N GLN B 33 -22.48 -13.20 36.13
CA GLN B 33 -21.75 -14.47 36.15
C GLN B 33 -22.61 -15.62 36.62
N ARG B 34 -23.92 -15.53 36.41
CA ARG B 34 -24.84 -16.54 36.91
C ARG B 34 -24.54 -17.80 36.12
N ASP B 35 -24.32 -18.90 36.85
CA ASP B 35 -24.10 -20.18 36.21
C ASP B 35 -25.46 -20.87 36.07
N THR B 36 -25.97 -20.92 34.84
CA THR B 36 -27.28 -21.50 34.57
C THR B 36 -27.43 -21.82 33.09
N ASP B 37 -28.56 -22.44 32.72
CA ASP B 37 -28.87 -22.74 31.32
C ASP B 37 -28.94 -21.48 30.47
N GLY B 38 -28.52 -21.60 29.22
CA GLY B 38 -28.64 -20.49 28.26
C GLY B 38 -30.10 -20.27 27.89
N PRO B 39 -30.38 -19.17 27.17
CA PRO B 39 -29.42 -18.21 26.67
C PRO B 39 -29.05 -17.15 27.69
N ALA B 40 -27.92 -16.50 27.47
CA ALA B 40 -27.56 -15.31 28.22
C ALA B 40 -28.43 -14.17 27.73
N ILE B 41 -28.80 -13.27 28.63
CA ILE B 41 -29.57 -12.09 28.24
CA ILE B 41 -29.57 -12.09 28.25
C ILE B 41 -28.62 -10.92 28.10
N LEU B 42 -28.54 -10.38 26.89
CA LEU B 42 -27.64 -9.30 26.54
C LEU B 42 -28.45 -8.00 26.42
N LEU B 43 -28.38 -7.19 27.46
CA LEU B 43 -29.08 -5.89 27.50
C LEU B 43 -28.19 -4.85 26.87
N LEU B 44 -28.69 -4.22 25.80
CA LEU B 44 -27.93 -3.26 25.04
C LEU B 44 -28.42 -1.83 25.30
N PRO B 45 -27.55 -0.96 25.86
CA PRO B 45 -27.85 0.46 25.99
C PRO B 45 -27.96 1.20 24.67
N GLY B 46 -28.76 2.27 24.67
CA GLY B 46 -28.73 3.29 23.65
C GLY B 46 -27.50 4.17 23.71
N TRP B 47 -27.59 5.33 23.12
CA TRP B 47 -26.48 6.27 23.06
C TRP B 47 -26.45 7.23 24.23
N CYS B 48 -25.27 7.38 24.80
CA CYS B 48 -24.96 8.38 25.82
C CYS B 48 -25.66 8.09 27.13
N HIS B 49 -25.83 6.81 27.40
CA HIS B 49 -26.09 6.30 28.71
C HIS B 49 -25.45 4.92 28.84
N ASP B 50 -25.53 4.35 30.03
CA ASP B 50 -24.84 3.11 30.37
C ASP B 50 -25.76 2.14 31.13
N HIS B 51 -25.17 1.05 31.61
CA HIS B 51 -25.86 -0.02 32.33
C HIS B 51 -26.80 0.41 33.47
N ARG B 52 -26.62 1.62 34.01
CA ARG B 52 -27.52 2.15 35.05
C ARG B 52 -28.98 2.17 34.60
N VAL B 53 -29.23 2.39 33.30
CA VAL B 53 -30.61 2.36 32.78
C VAL B 53 -31.29 1.00 33.05
N TYR B 54 -30.49 -0.05 33.17
CA TYR B 54 -31.00 -1.40 33.32
C TYR B 54 -31.05 -1.94 34.75
N LYS B 55 -30.72 -1.11 35.74
CA LYS B 55 -30.56 -1.64 37.11
C LYS B 55 -31.82 -2.31 37.65
N TYR B 56 -33.01 -1.81 37.28
CA TYR B 56 -34.24 -2.42 37.77
C TYR B 56 -34.53 -3.70 37.01
N LEU B 57 -34.24 -3.68 35.71
CA LEU B 57 -34.46 -4.85 34.90
C LEU B 57 -33.50 -5.98 35.28
N ILE B 58 -32.25 -5.64 35.56
CA ILE B 58 -31.26 -6.63 36.01
C ILE B 58 -31.80 -7.38 37.24
N GLN B 59 -32.33 -6.64 38.21
CA GLN B 59 -32.93 -7.25 39.40
C GLN B 59 -34.08 -8.22 39.11
N GLU B 60 -34.92 -7.92 38.10
CA GLU B 60 -36.02 -8.80 37.74
C GLU B 60 -35.51 -10.13 37.21
N LEU B 61 -34.36 -10.11 36.51
CA LEU B 61 -33.82 -11.27 35.81
C LEU B 61 -32.66 -11.95 36.51
N ASP B 62 -32.07 -11.24 37.45
CA ASP B 62 -30.80 -11.65 38.07
C ASP B 62 -30.78 -13.12 38.46
N ALA B 63 -31.85 -13.57 39.12
CA ALA B 63 -31.88 -14.92 39.72
C ALA B 63 -31.87 -16.06 38.72
N ASP B 64 -32.49 -15.87 37.56
CA ASP B 64 -32.73 -16.97 36.64
C ASP B 64 -31.89 -16.96 35.38
N PHE B 65 -31.14 -15.90 35.14
CA PHE B 65 -30.44 -15.75 33.90
C PHE B 65 -29.08 -15.19 34.12
N ARG B 66 -28.17 -15.53 33.22
CA ARG B 66 -26.96 -14.77 33.07
C ARG B 66 -27.26 -13.49 32.30
N VAL B 67 -26.90 -12.35 32.88
CA VAL B 67 -27.20 -11.05 32.30
C VAL B 67 -25.91 -10.31 32.06
N ILE B 68 -25.73 -9.86 30.82
CA ILE B 68 -24.57 -9.11 30.40
C ILE B 68 -25.02 -7.77 29.84
N VAL B 69 -24.36 -6.68 30.25
CA VAL B 69 -24.64 -5.34 29.70
C VAL B 69 -23.35 -4.65 29.29
N PRO B 70 -23.07 -4.59 27.97
CA PRO B 70 -21.85 -3.87 27.57
C PRO B 70 -22.06 -2.36 27.59
N ASN B 71 -21.02 -1.61 27.96
CA ASN B 71 -21.03 -0.18 27.72
C ASN B 71 -20.16 0.15 26.54
N TRP B 72 -20.61 1.12 25.75
CA TRP B 72 -19.95 1.46 24.52
C TRP B 72 -18.70 2.28 24.78
N ARG B 73 -17.92 2.46 23.71
CA ARG B 73 -16.66 3.19 23.83
C ARG B 73 -16.97 4.58 24.37
N GLY B 74 -16.26 4.97 25.43
CA GLY B 74 -16.43 6.29 26.02
C GLY B 74 -17.64 6.40 26.93
N HIS B 75 -18.34 5.29 27.13
CA HIS B 75 -19.53 5.27 27.97
C HIS B 75 -19.18 4.59 29.28
N GLY B 76 -19.91 4.95 30.32
CA GLY B 76 -19.76 4.33 31.61
C GLY B 76 -19.86 5.36 32.70
N LEU B 77 -19.56 4.95 33.92
CA LEU B 77 -19.60 5.82 35.10
C LEU B 77 -18.64 6.99 34.96
N SER B 78 -17.55 6.77 34.24
CA SER B 78 -16.63 7.84 33.90
C SER B 78 -16.55 8.05 32.36
N PRO B 79 -17.52 8.80 31.78
CA PRO B 79 -17.48 9.00 30.33
C PRO B 79 -16.18 9.61 29.85
N SER B 80 -15.74 9.26 28.64
CA SER B 80 -14.53 9.85 28.09
C SER B 80 -14.64 10.10 26.59
N GLU B 81 -13.80 11.01 26.11
CA GLU B 81 -13.67 11.27 24.69
C GLU B 81 -12.98 10.08 24.02
N VAL B 82 -13.50 9.65 22.86
CA VAL B 82 -12.90 8.55 22.11
C VAL B 82 -12.99 8.84 20.60
N PRO B 83 -12.23 8.10 19.76
CA PRO B 83 -12.35 8.24 18.31
C PRO B 83 -13.73 7.82 17.77
N ASP B 84 -14.16 8.45 16.69
CA ASP B 84 -15.49 8.17 16.09
C ASP B 84 -15.73 6.70 15.82
N PHE B 85 -16.94 6.23 16.15
CA PHE B 85 -17.36 4.88 15.85
C PHE B 85 -18.88 4.89 15.73
N GLY B 86 -19.43 3.80 15.21
CA GLY B 86 -20.86 3.69 14.94
C GLY B 86 -21.36 2.33 15.33
N TYR B 87 -22.57 1.97 14.88
CA TYR B 87 -23.22 0.76 15.37
C TYR B 87 -22.53 -0.52 14.94
N GLN B 88 -21.87 -0.50 13.79
CA GLN B 88 -21.03 -1.63 13.37
C GLN B 88 -19.95 -1.98 14.42
N GLU B 89 -19.33 -0.95 14.98
CA GLU B 89 -18.29 -1.13 16.01
C GLU B 89 -18.92 -1.54 17.33
N GLN B 90 -20.09 -0.99 17.64
CA GLN B 90 -20.81 -1.45 18.81
C GLN B 90 -21.02 -2.95 18.75
N VAL B 91 -21.35 -3.45 17.56
CA VAL B 91 -21.60 -4.88 17.33
C VAL B 91 -20.33 -5.71 17.57
N LYS B 92 -19.22 -5.29 16.97
CA LYS B 92 -17.95 -6.00 17.14
C LYS B 92 -17.55 -5.99 18.60
N ASP B 93 -17.70 -4.83 19.27
CA ASP B 93 -17.38 -4.70 20.69
C ASP B 93 -18.16 -5.70 21.53
N ALA B 94 -19.47 -5.78 21.30
CA ALA B 94 -20.35 -6.66 22.04
C ALA B 94 -19.99 -8.13 21.86
N LEU B 95 -19.70 -8.52 20.61
CA LEU B 95 -19.36 -9.92 20.32
C LEU B 95 -18.03 -10.32 20.94
N GLU B 96 -17.07 -9.38 20.95
CA GLU B 96 -15.75 -9.63 21.55
C GLU B 96 -15.88 -9.83 23.06
N ILE B 97 -16.72 -9.03 23.72
CA ILE B 97 -17.02 -9.24 25.13
C ILE B 97 -17.62 -10.64 25.34
N LEU B 98 -18.58 -11.02 24.49
CA LEU B 98 -19.20 -12.34 24.56
C LEU B 98 -18.18 -13.45 24.34
N ASP B 99 -17.29 -13.24 23.39
CA ASP B 99 -16.23 -14.20 23.10
C ASP B 99 -15.32 -14.34 24.32
N GLN B 100 -14.95 -13.22 24.93
CA GLN B 100 -14.06 -13.22 26.11
C GLN B 100 -14.70 -13.94 27.29
N LEU B 101 -16.02 -13.83 27.40
CA LEU B 101 -16.76 -14.50 28.47
C LEU B 101 -17.13 -15.95 28.16
N GLY B 102 -16.91 -16.39 26.94
CA GLY B 102 -17.28 -17.75 26.53
C GLY B 102 -18.78 -17.96 26.45
N VAL B 103 -19.51 -16.93 26.02
CA VAL B 103 -20.95 -17.02 25.84
C VAL B 103 -21.24 -17.41 24.38
N GLU B 104 -22.02 -18.48 24.19
CA GLU B 104 -22.41 -18.92 22.87
C GLU B 104 -23.75 -18.27 22.50
N THR B 105 -24.84 -18.78 23.06
CA THR B 105 -26.18 -18.36 22.67
C THR B 105 -26.64 -17.21 23.59
N PHE B 106 -27.26 -16.19 22.97
CA PHE B 106 -27.76 -15.05 23.74
C PHE B 106 -29.04 -14.49 23.15
N LEU B 107 -29.82 -13.87 24.02
CA LEU B 107 -31.01 -13.14 23.63
C LEU B 107 -30.73 -11.65 23.84
N PRO B 108 -30.56 -10.89 22.74
CA PRO B 108 -30.33 -9.49 22.84
C PRO B 108 -31.61 -8.73 23.09
N VAL B 109 -31.49 -7.68 23.91
CA VAL B 109 -32.60 -6.81 24.28
C VAL B 109 -32.07 -5.39 24.23
N SER B 110 -32.66 -4.53 23.39
CA SER B 110 -32.17 -3.18 23.23
C SER B 110 -33.11 -2.11 23.77
N HIS B 111 -32.52 -0.95 24.07
CA HIS B 111 -33.28 0.23 24.39
C HIS B 111 -33.13 1.27 23.32
N SER B 112 -34.26 1.71 22.79
CA SER B 112 -34.26 2.77 21.78
C SER B 112 -33.21 2.50 20.69
N HIS B 113 -32.31 3.45 20.42
CA HIS B 113 -31.38 3.32 19.30
C HIS B 113 -30.19 2.41 19.52
N GLY B 114 -30.19 1.73 20.66
CA GLY B 114 -29.47 0.48 20.80
C GLY B 114 -29.97 -0.58 19.84
N GLY B 115 -31.18 -0.40 19.28
CA GLY B 115 -31.73 -1.34 18.33
C GLY B 115 -30.91 -1.52 17.06
N TRP B 116 -30.24 -0.48 16.62
CA TRP B 116 -29.37 -0.58 15.45
C TRP B 116 -28.27 -1.62 15.70
N VAL B 117 -27.74 -1.64 16.92
CA VAL B 117 -26.78 -2.64 17.35
C VAL B 117 -27.44 -4.00 17.38
N LEU B 118 -28.67 -4.08 17.90
CA LEU B 118 -29.34 -5.37 18.04
C LEU B 118 -29.62 -6.05 16.68
N VAL B 119 -30.13 -5.27 15.72
CA VAL B 119 -30.49 -5.81 14.41
C VAL B 119 -29.21 -6.25 13.69
N GLU B 120 -28.19 -5.42 13.70
CA GLU B 120 -26.92 -5.77 13.03
C GLU B 120 -26.24 -6.93 13.74
N LEU B 121 -26.38 -6.99 15.05
CA LEU B 121 -25.93 -8.14 15.82
C LEU B 121 -26.64 -9.43 15.40
N LEU B 122 -27.95 -9.36 15.19
CA LEU B 122 -28.69 -10.53 14.68
C LEU B 122 -28.14 -10.99 13.33
N GLU B 123 -27.85 -10.07 12.44
CA GLU B 123 -27.28 -10.39 11.14
C GLU B 123 -25.91 -11.05 11.29
N GLN B 124 -25.04 -10.41 12.05
CA GLN B 124 -23.65 -10.85 12.18
C GLN B 124 -23.49 -12.12 12.95
N ALA B 125 -24.26 -12.27 14.04
CA ALA B 125 -24.17 -13.47 14.87
C ALA B 125 -24.92 -14.66 14.27
N GLY B 126 -25.97 -14.40 13.49
CA GLY B 126 -26.76 -15.45 12.86
C GLY B 126 -27.77 -16.05 13.81
N PRO B 127 -28.76 -16.76 13.25
CA PRO B 127 -29.90 -17.29 14.01
C PRO B 127 -29.61 -18.40 15.03
N GLU B 128 -28.49 -19.11 14.92
CA GLU B 128 -28.17 -20.13 15.93
C GLU B 128 -27.60 -19.52 17.21
N ARG B 129 -26.69 -18.57 17.08
CA ARG B 129 -26.18 -17.82 18.25
C ARG B 129 -27.20 -16.85 18.81
N ALA B 130 -27.99 -16.23 17.93
CA ALA B 130 -28.95 -15.16 18.33
C ALA B 130 -30.30 -15.43 17.69
N PRO B 131 -31.06 -16.38 18.26
CA PRO B 131 -32.28 -16.87 17.61
C PRO B 131 -33.48 -15.91 17.66
N ARG B 132 -33.47 -14.98 18.62
CA ARG B 132 -34.56 -14.01 18.77
C ARG B 132 -34.00 -12.67 19.26
N GLY B 133 -34.84 -11.65 19.25
CA GLY B 133 -34.46 -10.38 19.85
C GLY B 133 -35.66 -9.63 20.35
N ILE B 134 -35.45 -8.80 21.37
CA ILE B 134 -36.48 -7.87 21.87
C ILE B 134 -35.96 -6.45 21.73
N ILE B 135 -36.76 -5.59 21.07
CA ILE B 135 -36.43 -4.17 20.91
C ILE B 135 -37.42 -3.40 21.78
N MET B 136 -36.89 -2.56 22.66
CA MET B 136 -37.74 -1.71 23.48
C MET B 136 -37.78 -0.27 22.98
N ASP B 137 -38.98 0.27 22.89
CA ASP B 137 -39.23 1.70 22.60
C ASP B 137 -38.26 2.38 21.62
N TRP B 138 -38.40 2.00 20.35
CA TRP B 138 -37.48 2.39 19.29
C TRP B 138 -38.30 2.89 18.12
N LEU B 139 -38.06 4.14 17.73
CA LEU B 139 -38.87 4.82 16.72
C LEU B 139 -38.81 4.08 15.40
N MET B 140 -39.91 3.42 15.07
CA MET B 140 -40.03 2.50 13.93
C MET B 140 -40.13 3.20 12.58
N TRP B 141 -40.68 4.40 12.57
CA TRP B 141 -40.78 5.18 11.33
C TRP B 141 -39.56 6.07 11.17
N ALA B 142 -39.34 6.56 9.96
CA ALA B 142 -38.29 7.56 9.71
C ALA B 142 -38.57 8.84 10.49
N PRO B 143 -37.51 9.59 10.87
CA PRO B 143 -37.73 10.72 11.74
C PRO B 143 -38.82 11.69 11.27
N LYS B 144 -39.75 11.97 12.16
CA LYS B 144 -40.66 13.10 12.02
C LYS B 144 -39.88 14.40 12.24
N PRO B 145 -40.47 15.55 11.88
CA PRO B 145 -39.77 16.84 11.99
C PRO B 145 -39.16 17.16 13.36
N ASP B 146 -39.92 16.94 14.44
CA ASP B 146 -39.42 17.25 15.77
C ASP B 146 -38.15 16.45 16.13
N PHE B 147 -38.16 15.15 15.87
CA PHE B 147 -37.00 14.30 16.18
C PHE B 147 -35.83 14.61 15.26
N ALA B 148 -36.13 14.83 13.99
CA ALA B 148 -35.11 15.22 13.00
C ALA B 148 -34.41 16.51 13.45
N LYS B 149 -35.20 17.47 13.90
CA LYS B 149 -34.69 18.69 14.50
C LYS B 149 -33.78 18.42 15.71
N SER B 150 -34.22 17.54 16.61
CA SER B 150 -33.40 17.12 17.77
C SER B 150 -32.04 16.57 17.36
N LEU B 151 -32.01 15.73 16.33
CA LEU B 151 -30.74 15.19 15.84
C LEU B 151 -29.81 16.29 15.29
N THR B 152 -30.40 17.23 14.55
CA THR B 152 -29.69 18.41 14.09
C THR B 152 -29.07 19.17 15.25
N LEU B 153 -29.82 19.32 16.33
CA LEU B 153 -29.33 20.04 17.51
C LEU B 153 -28.20 19.30 18.21
N LEU B 154 -28.31 17.97 18.31
CA LEU B 154 -27.29 17.16 18.98
C LEU B 154 -25.94 17.29 18.26
N LYS B 155 -25.99 17.39 16.94
CA LYS B 155 -24.78 17.51 16.10
C LYS B 155 -24.09 18.88 16.22
N ASP B 156 -24.83 19.89 16.66
CA ASP B 156 -24.33 21.25 16.80
C ASP B 156 -23.54 21.46 18.10
N PRO B 157 -22.24 21.77 17.99
CA PRO B 157 -21.45 22.00 19.19
C PRO B 157 -21.97 23.15 20.05
N GLU B 158 -22.75 24.06 19.48
CA GLU B 158 -23.35 25.18 20.24
C GLU B 158 -24.73 24.90 20.83
N ARG B 159 -25.40 23.84 20.38
CA ARG B 159 -26.79 23.58 20.78
C ARG B 159 -27.07 22.15 21.21
N TRP B 160 -26.02 21.36 21.44
CA TRP B 160 -26.21 19.95 21.76
C TRP B 160 -26.99 19.77 23.06
N ARG B 161 -26.70 20.59 24.09
CA ARG B 161 -27.36 20.41 25.39
C ARG B 161 -28.85 20.74 25.29
N GLU B 162 -29.15 21.81 24.56
CA GLU B 162 -30.52 22.15 24.20
C GLU B 162 -31.21 20.98 23.48
N GLY B 163 -30.46 20.31 22.60
CA GLY B 163 -30.95 19.09 21.95
C GLY B 163 -31.37 18.01 22.94
N THR B 164 -30.49 17.73 23.91
CA THR B 164 -30.77 16.71 24.94
C THR B 164 -31.97 17.07 25.79
N HIS B 165 -32.12 18.36 26.09
CA HIS B 165 -33.24 18.85 26.91
C HIS B 165 -34.59 18.66 26.21
N GLY B 166 -34.62 18.92 24.91
CA GLY B 166 -35.80 18.66 24.09
C GLY B 166 -36.19 17.18 24.03
N LEU B 167 -35.20 16.30 23.99
CA LEU B 167 -35.45 14.86 24.01
C LEU B 167 -35.95 14.40 25.36
N PHE B 168 -35.37 14.94 26.44
CA PHE B 168 -35.84 14.63 27.79
C PHE B 168 -37.32 14.97 27.93
N ASP B 169 -37.74 16.13 27.40
CA ASP B 169 -39.16 16.51 27.42
C ASP B 169 -40.05 15.46 26.73
N VAL B 170 -39.62 15.03 25.55
CA VAL B 170 -40.37 14.05 24.79
C VAL B 170 -40.46 12.75 25.55
N TRP B 171 -39.32 12.29 26.07
CA TRP B 171 -39.24 10.97 26.74
C TRP B 171 -40.05 10.88 28.01
N LEU B 172 -40.09 11.99 28.76
CA LEU B 172 -40.86 12.05 29.99
C LEU B 172 -42.34 12.23 29.76
N ASP B 173 -42.69 12.85 28.62
CA ASP B 173 -44.08 12.98 28.15
C ASP B 173 -45.04 13.54 29.21
N GLY B 174 -44.58 14.55 29.96
CA GLY B 174 -45.43 15.22 30.92
C GLY B 174 -45.58 14.53 32.26
N HIS B 175 -44.72 13.54 32.53
CA HIS B 175 -44.79 12.79 33.75
C HIS B 175 -43.70 13.19 34.71
N ASP B 176 -44.07 13.34 35.97
CA ASP B 176 -43.10 13.49 37.05
C ASP B 176 -42.67 12.09 37.52
N GLU B 177 -41.95 11.39 36.63
CA GLU B 177 -41.55 10.01 36.89
CA GLU B 177 -41.57 10.02 36.92
C GLU B 177 -40.17 10.03 37.53
N LYS B 178 -40.14 9.85 38.83
CA LYS B 178 -38.95 10.04 39.66
C LYS B 178 -37.72 9.30 39.16
N ARG B 179 -37.89 8.02 38.85
CA ARG B 179 -36.77 7.16 38.45
C ARG B 179 -36.21 7.49 37.09
N VAL B 180 -37.08 7.86 36.16
CA VAL B 180 -36.64 8.19 34.81
C VAL B 180 -35.99 9.56 34.80
N ARG B 181 -36.55 10.48 35.57
CA ARG B 181 -35.94 11.80 35.75
C ARG B 181 -34.54 11.69 36.32
N HIS B 182 -34.35 10.82 37.32
CA HIS B 182 -33.01 10.56 37.89
C HIS B 182 -32.04 10.05 36.83
N HIS B 183 -32.52 9.12 36.01
CA HIS B 183 -31.68 8.60 34.95
C HIS B 183 -31.22 9.70 33.96
N LEU B 184 -32.16 10.52 33.46
CA LEU B 184 -31.84 11.54 32.47
C LEU B 184 -31.00 12.68 33.05
N LEU B 185 -31.31 13.10 34.27
CA LEU B 185 -30.73 14.34 34.80
C LEU B 185 -29.48 14.11 35.63
N GLU B 186 -29.35 12.93 36.21
CA GLU B 186 -28.20 12.56 37.02
C GLU B 186 -27.32 11.53 36.32
N GLU B 187 -27.93 10.46 35.81
CA GLU B 187 -27.15 9.37 35.23
C GLU B 187 -26.66 9.63 33.81
N MET B 188 -27.20 10.63 33.13
CA MET B 188 -26.66 11.06 31.83
C MET B 188 -25.90 12.39 31.90
N ALA B 189 -25.76 12.95 33.11
CA ALA B 189 -25.23 14.30 33.28
C ALA B 189 -23.74 14.43 32.90
N ASP B 190 -22.99 13.34 33.03
CA ASP B 190 -21.53 13.38 32.75
C ASP B 190 -21.21 13.18 31.26
N TYR B 191 -22.23 12.91 30.44
CA TYR B 191 -22.00 12.72 29.00
C TYR B 191 -21.97 14.08 28.31
N GLY B 192 -20.99 14.29 27.42
CA GLY B 192 -20.85 15.55 26.72
C GLY B 192 -21.07 15.52 25.22
N TYR B 193 -20.68 16.60 24.55
CA TYR B 193 -20.84 16.74 23.10
C TYR B 193 -20.14 15.65 22.28
N ASP B 194 -19.03 15.11 22.78
CA ASP B 194 -18.36 14.05 22.05
C ASP B 194 -19.31 12.88 21.81
N CYS B 195 -20.14 12.56 22.79
CA CYS B 195 -21.08 11.46 22.67
C CYS B 195 -22.34 11.89 21.94
N TRP B 196 -22.94 12.98 22.40
CA TRP B 196 -24.25 13.39 21.89
C TRP B 196 -24.18 13.78 20.41
N GLY B 197 -23.12 14.49 20.03
CA GLY B 197 -22.88 14.76 18.63
C GLY B 197 -22.75 13.50 17.82
N ARG B 198 -22.00 12.53 18.36
CA ARG B 198 -21.77 11.25 17.70
C ARG B 198 -23.08 10.47 17.50
N SER B 199 -23.89 10.42 18.55
CA SER B 199 -25.21 9.77 18.50
C SER B 199 -26.11 10.39 17.44
N GLY B 200 -26.08 11.70 17.34
CA GLY B 200 -26.84 12.41 16.30
C GLY B 200 -26.42 12.00 14.90
N ARG B 201 -25.12 11.95 14.68
CA ARG B 201 -24.56 11.60 13.36
CA ARG B 201 -24.54 11.60 13.36
C ARG B 201 -24.83 10.14 13.00
N VAL B 202 -24.63 9.26 13.98
CA VAL B 202 -24.83 7.84 13.78
C VAL B 202 -26.31 7.50 13.56
N ILE B 203 -27.20 8.08 14.35
CA ILE B 203 -28.64 7.75 14.20
C ILE B 203 -29.20 8.32 12.90
N GLU B 204 -28.85 9.56 12.60
CA GLU B 204 -29.23 10.19 11.36
C GLU B 204 -28.77 9.40 10.14
N ASP B 205 -27.51 8.96 10.16
CA ASP B 205 -26.97 8.14 9.09
C ASP B 205 -27.66 6.77 8.99
N ALA B 206 -28.03 6.18 10.12
CA ALA B 206 -28.63 4.84 10.16
C ALA B 206 -30.01 4.86 9.49
N TYR B 207 -30.80 5.84 9.84
CA TYR B 207 -32.10 6.06 9.16
C TYR B 207 -31.85 6.33 7.68
N GLY B 208 -30.92 7.22 7.37
CA GLY B 208 -30.63 7.60 5.97
C GLY B 208 -30.23 6.37 5.16
N ARG B 209 -29.33 5.57 5.73
CA ARG B 209 -28.79 4.39 5.07
C ARG B 209 -29.78 3.23 5.00
N ASN B 210 -30.45 2.93 6.11
CA ASN B 210 -31.29 1.73 6.22
C ASN B 210 -32.76 2.04 6.00
N GLY B 211 -33.12 3.33 5.96
CA GLY B 211 -34.51 3.75 5.79
C GLY B 211 -35.25 3.84 7.11
N SER B 212 -35.38 2.72 7.80
CA SER B 212 -36.02 2.67 9.11
C SER B 212 -35.66 1.38 9.81
N PRO B 213 -35.93 1.30 11.13
CA PRO B 213 -35.77 0.04 11.83
C PRO B 213 -36.58 -1.10 11.21
N MET B 214 -37.77 -0.78 10.72
CA MET B 214 -38.59 -1.79 10.04
C MET B 214 -37.98 -2.29 8.73
N GLN B 215 -37.47 -1.38 7.91
CA GLN B 215 -36.82 -1.78 6.66
CA GLN B 215 -36.81 -1.78 6.67
C GLN B 215 -35.60 -2.68 6.94
N MET B 216 -34.78 -2.25 7.89
CA MET B 216 -33.59 -3.00 8.30
C MET B 216 -33.90 -4.40 8.77
N MET B 217 -34.96 -4.56 9.57
CA MET B 217 -35.32 -5.89 10.07
C MET B 217 -35.80 -6.77 8.93
N ALA B 218 -36.68 -6.23 8.08
CA ALA B 218 -37.20 -6.95 6.93
C ALA B 218 -36.09 -7.36 5.95
N ASN B 219 -34.98 -6.61 5.96
CA ASN B 219 -33.83 -6.89 5.11
C ASN B 219 -32.81 -7.87 5.69
N LEU B 220 -33.06 -8.42 6.88
CA LEU B 220 -32.21 -9.46 7.46
C LEU B 220 -32.11 -10.66 6.52
N THR B 221 -30.90 -11.20 6.36
CA THR B 221 -30.68 -12.40 5.56
C THR B 221 -31.46 -13.57 6.10
N LYS B 222 -31.45 -13.73 7.43
CA LYS B 222 -32.25 -14.72 8.15
C LYS B 222 -33.24 -14.06 9.12
N THR B 223 -34.51 -13.92 8.74
CA THR B 223 -35.48 -13.33 9.65
C THR B 223 -35.80 -14.32 10.77
N ARG B 224 -36.24 -13.76 11.90
CA ARG B 224 -36.27 -14.43 13.20
C ARG B 224 -37.32 -13.78 14.05
N PRO B 225 -37.84 -14.48 15.07
CA PRO B 225 -38.75 -13.79 16.00
C PRO B 225 -38.16 -12.52 16.65
N ILE B 226 -38.81 -11.39 16.40
CA ILE B 226 -38.46 -10.11 17.02
C ILE B 226 -39.74 -9.47 17.57
N ARG B 227 -39.71 -9.04 18.81
CA ARG B 227 -40.86 -8.31 19.38
C ARG B 227 -40.46 -6.88 19.76
N HIS B 228 -41.29 -5.92 19.33
CA HIS B 228 -41.13 -4.54 19.76
C HIS B 228 -42.06 -4.28 20.93
N ILE B 229 -41.47 -3.97 22.09
CA ILE B 229 -42.28 -3.63 23.26
C ILE B 229 -42.04 -2.17 23.59
N PHE B 230 -43.12 -1.39 23.70
CA PHE B 230 -43.00 0.08 23.78
C PHE B 230 -44.15 0.72 24.55
N SER B 231 -43.85 1.88 25.13
CA SER B 231 -44.87 2.69 25.78
C SER B 231 -45.18 3.94 24.94
N GLN B 232 -44.20 4.39 24.16
CA GLN B 232 -44.33 5.63 23.39
CA GLN B 232 -44.30 5.63 23.40
C GLN B 232 -43.81 5.45 21.95
N PRO B 233 -44.28 6.30 21.01
CA PRO B 233 -45.31 7.34 21.16
C PRO B 233 -46.67 6.71 21.42
N THR B 234 -47.60 7.47 21.99
CA THR B 234 -48.87 6.90 22.43
C THR B 234 -50.00 7.02 21.40
N GLU B 235 -49.73 7.66 20.25
CA GLU B 235 -50.76 7.91 19.24
C GLU B 235 -51.20 6.64 18.52
N PRO B 236 -52.47 6.59 18.10
CA PRO B 236 -52.97 5.44 17.33
C PRO B 236 -52.27 5.23 15.98
N GLU B 237 -51.79 6.29 15.36
CA GLU B 237 -51.08 6.16 14.08
C GLU B 237 -49.80 5.33 14.26
N TYR B 238 -49.19 5.40 15.44
CA TYR B 238 -47.93 4.68 15.70
C TYR B 238 -48.25 3.19 15.94
N GLU B 239 -49.29 2.91 16.70
CA GLU B 239 -49.66 1.54 16.92
C GLU B 239 -50.02 0.90 15.58
N LYS B 240 -50.65 1.68 14.71
CA LYS B 240 -51.03 1.18 13.40
C LYS B 240 -49.85 0.72 12.55
N ILE B 241 -48.72 1.42 12.57
CA ILE B 241 -47.59 0.98 11.75
C ILE B 241 -46.97 -0.28 12.33
N ASN B 242 -47.06 -0.45 13.65
CA ASN B 242 -46.65 -1.71 14.28
C ASN B 242 -47.59 -2.87 13.92
N SER B 243 -48.90 -2.63 14.02
CA SER B 243 -49.90 -3.62 13.61
C SER B 243 -49.80 -3.99 12.14
N ASP B 244 -49.63 -3.00 11.26
CA ASP B 244 -49.42 -3.25 9.82
C ASP B 244 -48.14 -4.06 9.50
N PHE B 245 -47.03 -3.73 10.16
CA PHE B 245 -45.78 -4.48 9.98
C PHE B 245 -45.95 -5.92 10.47
N ALA B 246 -46.64 -6.10 11.59
CA ALA B 246 -46.84 -7.42 12.18
C ALA B 246 -47.76 -8.27 11.32
N GLU B 247 -48.75 -7.64 10.72
CA GLU B 247 -49.64 -8.28 9.76
C GLU B 247 -48.84 -8.86 8.58
N GLN B 248 -47.84 -8.12 8.15
CA GLN B 248 -47.08 -8.48 6.96
C GLN B 248 -45.98 -9.53 7.22
N HIS B 249 -45.44 -9.55 8.43
CA HIS B 249 -44.30 -10.39 8.77
C HIS B 249 -44.58 -11.32 9.92
N PRO B 250 -44.67 -12.63 9.68
CA PRO B 250 -45.00 -13.63 10.70
C PRO B 250 -44.04 -13.61 11.92
N TRP B 251 -42.80 -13.19 11.68
CA TRP B 251 -41.77 -13.21 12.72
C TRP B 251 -41.82 -11.98 13.64
N PHE B 252 -42.54 -10.93 13.24
CA PHE B 252 -42.63 -9.69 14.04
C PHE B 252 -43.86 -9.67 14.90
N SER B 253 -43.69 -9.23 16.15
CA SER B 253 -44.80 -9.02 17.05
C SER B 253 -44.53 -7.71 17.83
N TYR B 254 -45.54 -7.24 18.53
CA TYR B 254 -45.34 -6.08 19.40
C TYR B 254 -46.26 -6.14 20.59
N ALA B 255 -45.95 -5.32 21.59
CA ALA B 255 -46.82 -5.17 22.76
C ALA B 255 -46.73 -3.77 23.28
N LYS B 256 -47.88 -3.12 23.44
N LYS B 256 -47.88 -3.13 23.46
CA LYS B 256 -47.92 -1.78 24.00
CA LYS B 256 -47.91 -1.81 24.04
C LYS B 256 -47.99 -1.93 25.52
C LYS B 256 -47.98 -1.95 25.53
N LEU B 257 -46.93 -1.49 26.19
CA LEU B 257 -46.78 -1.71 27.61
C LEU B 257 -47.53 -0.74 28.49
N GLY B 258 -47.92 0.41 27.97
CA GLY B 258 -48.71 1.36 28.75
C GLY B 258 -48.00 2.08 29.89
N GLY B 259 -46.67 2.15 29.84
CA GLY B 259 -45.89 2.89 30.83
C GLY B 259 -45.93 4.36 30.52
N PRO B 260 -45.52 5.22 31.47
CA PRO B 260 -45.64 6.66 31.26
C PRO B 260 -44.56 7.25 30.36
N THR B 261 -43.35 6.69 30.37
CA THR B 261 -42.21 7.30 29.68
C THR B 261 -41.69 6.41 28.54
N ALA B 262 -40.71 6.95 27.81
CA ALA B 262 -40.04 6.21 26.76
C ALA B 262 -39.01 5.20 27.33
N PHE B 263 -38.98 5.01 28.65
CA PHE B 263 -37.99 4.10 29.30
C PHE B 263 -38.66 2.98 30.08
N PRO B 264 -39.27 2.01 29.38
CA PRO B 264 -39.97 0.95 30.11
C PRO B 264 -39.08 0.08 30.95
N ALA B 265 -37.80 -0.04 30.59
CA ALA B 265 -36.87 -0.78 31.37
C ALA B 265 -36.81 -0.23 32.79
N ILE B 266 -37.00 1.09 32.90
CA ILE B 266 -37.00 1.75 34.22
C ILE B 266 -38.38 1.79 34.85
N ASP B 267 -39.40 2.18 34.09
CA ASP B 267 -40.71 2.47 34.72
C ASP B 267 -41.71 1.32 34.69
N VAL B 268 -41.49 0.29 33.86
CA VAL B 268 -42.29 -0.94 33.94
C VAL B 268 -41.41 -2.20 33.84
N PRO B 269 -40.41 -2.34 34.74
CA PRO B 269 -39.37 -3.38 34.56
C PRO B 269 -39.91 -4.79 34.65
N ASP B 270 -40.93 -4.97 35.47
CA ASP B 270 -41.65 -6.21 35.58
C ASP B 270 -42.27 -6.64 34.24
N ARG B 271 -42.85 -5.69 33.52
CA ARG B 271 -43.48 -5.98 32.25
C ARG B 271 -42.44 -6.26 31.17
N ALA B 272 -41.41 -5.46 31.09
CA ALA B 272 -40.32 -5.75 30.18
C ALA B 272 -39.78 -7.17 30.43
N ALA B 273 -39.64 -7.52 31.70
CA ALA B 273 -39.10 -8.80 32.10
C ALA B 273 -39.94 -9.99 31.61
N VAL B 274 -41.26 -9.89 31.68
CA VAL B 274 -42.11 -11.05 31.30
C VAL B 274 -41.96 -11.36 29.80
N HIS B 275 -41.75 -10.32 28.98
CA HIS B 275 -41.56 -10.49 27.54
C HIS B 275 -40.21 -11.10 27.22
N ILE B 276 -39.19 -10.65 27.96
CA ILE B 276 -37.86 -11.23 27.89
C ILE B 276 -37.87 -12.73 28.33
N ARG B 277 -38.50 -13.03 29.47
CA ARG B 277 -38.65 -14.42 29.92
C ARG B 277 -39.36 -15.29 28.88
N GLU B 278 -40.37 -14.73 28.22
CA GLU B 278 -41.16 -15.46 27.23
C GLU B 278 -40.28 -15.89 26.07
N PHE B 279 -39.47 -14.97 25.58
CA PHE B 279 -38.54 -15.26 24.48
C PHE B 279 -37.42 -16.22 24.92
N ALA B 280 -36.90 -16.05 26.13
CA ALA B 280 -35.88 -16.98 26.66
C ALA B 280 -36.42 -18.40 26.83
N THR B 281 -37.65 -18.52 27.31
CA THR B 281 -38.33 -19.79 27.44
C THR B 281 -38.54 -20.46 26.11
N ALA B 282 -38.93 -19.67 25.11
CA ALA B 282 -39.11 -20.17 23.77
C ALA B 282 -37.81 -20.72 23.17
N ILE B 283 -36.72 -20.00 23.40
CA ILE B 283 -35.40 -20.44 22.92
C ILE B 283 -35.00 -21.77 23.56
N ARG B 284 -35.21 -21.88 24.88
CA ARG B 284 -34.95 -23.12 25.61
C ARG B 284 -35.78 -24.33 25.13
N GLN B 285 -36.89 -24.09 24.44
CA GLN B 285 -37.69 -25.15 23.86
C GLN B 285 -37.49 -25.26 22.33
N GLY B 286 -36.22 -25.28 21.90
CA GLY B 286 -35.89 -25.42 20.48
C GLY B 286 -35.50 -24.09 19.84
N ASP C 14 -7.90 33.51 -33.69
CA ASP C 14 -7.91 32.02 -33.49
C ASP C 14 -9.31 31.52 -33.16
N THR C 15 -9.44 30.20 -33.11
CA THR C 15 -10.69 29.59 -32.65
C THR C 15 -11.01 30.13 -31.25
N TYR C 16 -12.24 30.64 -31.01
CA TYR C 16 -12.79 30.95 -29.65
C TYR C 16 -12.30 32.24 -28.99
N LEU C 17 -11.53 33.05 -29.72
CA LEU C 17 -10.90 34.23 -29.15
C LEU C 17 -11.84 35.44 -29.10
N HIS C 18 -11.90 36.09 -27.94
CA HIS C 18 -12.68 37.30 -27.73
C HIS C 18 -11.84 38.42 -27.13
N GLU C 19 -12.45 39.60 -27.05
CA GLU C 19 -11.85 40.75 -26.38
C GLU C 19 -12.93 41.47 -25.60
N THR C 20 -12.58 41.94 -24.40
CA THR C 20 -13.50 42.74 -23.60
C THR C 20 -12.77 43.74 -22.75
N LEU C 21 -13.48 44.80 -22.38
CA LEU C 21 -12.91 45.82 -21.52
C LEU C 21 -12.96 45.34 -20.09
N VAL C 22 -11.80 45.32 -19.44
CA VAL C 22 -11.68 44.87 -18.06
C VAL C 22 -11.09 46.02 -17.27
N PHE C 23 -11.95 46.72 -16.56
CA PHE C 23 -11.61 47.99 -15.90
C PHE C 23 -11.06 48.99 -16.95
N ASP C 24 -9.75 49.27 -16.95
CA ASP C 24 -9.16 50.21 -17.91
C ASP C 24 -8.64 49.58 -19.20
N ASN C 25 -8.56 48.25 -19.26
CA ASN C 25 -7.77 47.57 -20.28
C ASN C 25 -8.61 46.66 -21.16
N LYS C 26 -8.32 46.68 -22.44
CA LYS C 26 -8.92 45.75 -23.38
C LYS C 26 -8.13 44.45 -23.33
N LEU C 27 -8.73 43.39 -22.84
CA LEU C 27 -8.02 42.11 -22.71
C LEU C 27 -8.65 41.09 -23.63
N SER C 28 -7.82 40.32 -24.31
CA SER C 28 -8.29 39.18 -25.05
C SER C 28 -8.38 37.98 -24.13
N TYR C 29 -9.20 37.03 -24.53
CA TYR C 29 -9.40 35.78 -23.79
C TYR C 29 -10.03 34.72 -24.68
N ILE C 30 -9.71 33.46 -24.41
CA ILE C 30 -10.39 32.33 -25.04
C ILE C 30 -11.64 31.97 -24.22
N ASP C 31 -12.71 31.60 -24.92
CA ASP C 31 -13.92 31.06 -24.33
C ASP C 31 -14.62 30.22 -25.38
N ASN C 32 -14.70 28.90 -25.15
CA ASN C 32 -15.38 28.02 -26.09
C ASN C 32 -16.90 28.04 -25.91
N GLN C 33 -17.36 28.75 -24.88
CA GLN C 33 -18.80 28.97 -24.63
C GLN C 33 -19.58 27.66 -24.58
N ARG C 34 -18.91 26.58 -24.17
CA ARG C 34 -19.55 25.27 -24.13
C ARG C 34 -20.60 25.31 -23.04
N ASP C 35 -21.83 24.93 -23.40
CA ASP C 35 -22.92 24.85 -22.44
C ASP C 35 -22.94 23.45 -21.86
N THR C 36 -22.51 23.32 -20.61
CA THR C 36 -22.40 22.01 -19.98
C THR C 36 -22.30 22.17 -18.47
N ASP C 37 -22.30 21.05 -17.74
CA ASP C 37 -22.13 21.06 -16.28
C ASP C 37 -20.80 21.70 -15.86
N GLY C 38 -20.80 22.38 -14.73
CA GLY C 38 -19.59 22.96 -14.16
C GLY C 38 -18.69 21.84 -13.63
N PRO C 39 -17.44 22.19 -13.25
CA PRO C 39 -16.88 23.52 -13.25
C PRO C 39 -16.30 23.92 -14.58
N ALA C 40 -16.14 25.23 -14.78
CA ALA C 40 -15.40 25.74 -15.93
C ALA C 40 -13.93 25.48 -15.68
N ILE C 41 -13.19 25.24 -16.74
CA ILE C 41 -11.74 25.09 -16.63
C ILE C 41 -11.09 26.41 -17.03
N LEU C 42 -10.38 27.01 -16.08
CA LEU C 42 -9.70 28.28 -16.25
C LEU C 42 -8.19 28.04 -16.39
N LEU C 43 -7.72 28.07 -17.64
CA LEU C 43 -6.31 27.92 -17.95
C LEU C 43 -5.61 29.26 -17.86
N LEU C 44 -4.61 29.33 -16.99
CA LEU C 44 -3.88 30.57 -16.70
C LEU C 44 -2.46 30.55 -17.30
N PRO C 45 -2.19 31.45 -18.27
CA PRO C 45 -0.86 31.62 -18.79
C PRO C 45 0.14 32.16 -17.77
N GLY C 46 1.40 31.82 -17.96
CA GLY C 46 2.53 32.49 -17.33
C GLY C 46 2.79 33.87 -17.85
N TRP C 47 4.02 34.35 -17.66
CA TRP C 47 4.42 35.67 -18.12
C TRP C 47 4.98 35.70 -19.54
N CYS C 48 4.49 36.66 -20.33
CA CYS C 48 5.02 36.99 -21.63
C CYS C 48 4.77 35.89 -22.63
N HIS C 49 3.63 35.22 -22.44
CA HIS C 49 3.01 34.42 -23.47
C HIS C 49 1.50 34.45 -23.26
N ASP C 50 0.77 33.86 -24.20
CA ASP C 50 -0.69 33.95 -24.21
C ASP C 50 -1.34 32.58 -24.46
N HIS C 51 -2.66 32.60 -24.64
CA HIS C 51 -3.48 31.43 -24.87
C HIS C 51 -2.96 30.41 -25.91
N ARG C 52 -2.11 30.82 -26.83
CA ARG C 52 -1.50 29.91 -27.79
C ARG C 52 -0.79 28.73 -27.12
N VAL C 53 -0.21 28.94 -25.94
CA VAL C 53 0.46 27.87 -25.20
C VAL C 53 -0.52 26.72 -24.92
N TYR C 54 -1.80 27.04 -24.84
CA TYR C 54 -2.81 26.06 -24.46
C TYR C 54 -3.57 25.43 -25.62
N LYS C 55 -3.22 25.74 -26.86
CA LYS C 55 -4.04 25.30 -28.01
C LYS C 55 -4.23 23.77 -28.10
N TYR C 56 -3.21 23.00 -27.73
CA TYR C 56 -3.37 21.56 -27.74
C TYR C 56 -4.20 21.05 -26.55
N LEU C 57 -4.05 21.70 -25.40
CA LEU C 57 -4.79 21.31 -24.23
C LEU C 57 -6.26 21.68 -24.40
N ILE C 58 -6.53 22.85 -24.99
CA ILE C 58 -7.91 23.24 -25.27
C ILE C 58 -8.62 22.15 -26.10
N GLN C 59 -7.95 21.65 -27.14
CA GLN C 59 -8.51 20.56 -27.95
C GLN C 59 -8.83 19.29 -27.18
N GLU C 60 -8.00 18.93 -26.20
CA GLU C 60 -8.27 17.75 -25.37
C GLU C 60 -9.53 17.90 -24.55
N LEU C 61 -9.82 19.13 -24.11
CA LEU C 61 -10.92 19.41 -23.18
C LEU C 61 -12.15 20.00 -23.84
N ASP C 62 -11.97 20.52 -25.06
CA ASP C 62 -13.00 21.33 -25.74
C ASP C 62 -14.40 20.72 -25.65
N ALA C 63 -14.50 19.43 -25.95
CA ALA C 63 -15.79 18.76 -26.07
C ALA C 63 -16.58 18.66 -24.77
N ASP C 64 -15.90 18.49 -23.64
CA ASP C 64 -16.60 18.14 -22.39
C ASP C 64 -16.66 19.26 -21.36
N PHE C 65 -15.98 20.36 -21.60
CA PHE C 65 -15.86 21.40 -20.60
C PHE C 65 -15.97 22.76 -21.24
N ARG C 66 -16.47 23.70 -20.44
CA ARG C 66 -16.26 25.10 -20.75
C ARG C 66 -14.83 25.49 -20.39
N VAL C 67 -14.11 26.05 -21.34
CA VAL C 67 -12.70 26.39 -21.16
C VAL C 67 -12.52 27.88 -21.40
N ILE C 68 -11.93 28.55 -20.41
CA ILE C 68 -11.64 29.97 -20.48
C ILE C 68 -10.14 30.18 -20.29
N VAL C 69 -9.54 31.02 -21.14
CA VAL C 69 -8.12 31.40 -20.99
C VAL C 69 -7.94 32.93 -21.04
N PRO C 70 -7.74 33.59 -19.88
CA PRO C 70 -7.52 35.03 -19.94
C PRO C 70 -6.09 35.37 -20.39
N ASN C 71 -5.93 36.46 -21.16
CA ASN C 71 -4.59 37.02 -21.38
C ASN C 71 -4.39 38.24 -20.54
N TRP C 72 -3.17 38.40 -20.06
CA TRP C 72 -2.86 39.45 -19.11
C TRP C 72 -2.72 40.79 -19.80
N ARG C 73 -2.63 41.85 -19.01
CA ARG C 73 -2.53 43.19 -19.57
C ARG C 73 -1.28 43.26 -20.43
N GLY C 74 -1.45 43.75 -21.65
CA GLY C 74 -0.33 43.86 -22.58
C GLY C 74 0.07 42.54 -23.23
N HIS C 75 -0.69 41.48 -22.96
CA HIS C 75 -0.44 40.19 -23.55
C HIS C 75 -1.46 39.89 -24.63
N GLY C 76 -1.05 39.06 -25.57
CA GLY C 76 -1.96 38.60 -26.62
C GLY C 76 -1.26 38.58 -27.94
N LEU C 77 -2.01 38.31 -29.00
CA LEU C 77 -1.49 38.28 -30.34
C LEU C 77 -0.82 39.61 -30.69
N SER C 78 -1.33 40.68 -30.12
CA SER C 78 -0.73 42.01 -30.27
C SER C 78 -0.24 42.52 -28.92
N PRO C 79 0.98 42.10 -28.50
CA PRO C 79 1.49 42.62 -27.23
C PRO C 79 1.58 44.14 -27.23
N SER C 80 1.35 44.76 -26.08
CA SER C 80 1.51 46.21 -25.97
C SER C 80 2.12 46.61 -24.64
N GLU C 81 2.69 47.81 -24.63
CA GLU C 81 3.22 48.41 -23.43
C GLU C 81 2.07 48.83 -22.54
N VAL C 82 2.16 48.52 -21.25
CA VAL C 82 1.11 48.91 -20.28
C VAL C 82 1.76 49.34 -18.98
N PRO C 83 0.99 50.00 -18.10
CA PRO C 83 1.53 50.36 -16.78
C PRO C 83 1.86 49.12 -15.92
N ASP C 84 2.84 49.24 -15.03
CA ASP C 84 3.24 48.13 -14.16
C ASP C 84 2.08 47.50 -13.40
N PHE C 85 2.06 46.17 -13.36
CA PHE C 85 1.08 45.44 -12.57
C PHE C 85 1.74 44.10 -12.21
N GLY C 86 1.10 43.38 -11.30
CA GLY C 86 1.64 42.16 -10.75
C GLY C 86 0.55 41.13 -10.60
N TYR C 87 0.82 40.06 -9.87
CA TYR C 87 -0.11 38.93 -9.83
C TYR C 87 -1.44 39.22 -9.14
N GLN C 88 -1.45 40.15 -8.19
CA GLN C 88 -2.70 40.62 -7.60
C GLN C 88 -3.67 41.18 -8.66
N GLU C 89 -3.13 41.92 -9.61
CA GLU C 89 -3.94 42.50 -10.69
C GLU C 89 -4.35 41.42 -11.68
N GLN C 90 -3.46 40.45 -11.92
CA GLN C 90 -3.83 39.32 -12.75
C GLN C 90 -5.07 38.62 -12.17
N VAL C 91 -5.12 38.49 -10.86
CA VAL C 91 -6.23 37.86 -10.16
C VAL C 91 -7.54 38.65 -10.35
N LYS C 92 -7.49 39.96 -10.13
CA LYS C 92 -8.68 40.82 -10.29
C LYS C 92 -9.15 40.77 -11.73
N ASP C 93 -8.21 40.85 -12.67
CA ASP C 93 -8.55 40.76 -14.09
C ASP C 93 -9.32 39.46 -14.40
N ALA C 94 -8.79 38.34 -13.91
CA ALA C 94 -9.37 37.03 -14.18
C ALA C 94 -10.78 36.86 -13.60
N LEU C 95 -10.98 37.34 -12.38
CA LEU C 95 -12.30 37.27 -11.73
C LEU C 95 -13.34 38.15 -12.43
N GLU C 96 -12.91 39.32 -12.90
CA GLU C 96 -13.80 40.24 -13.62
C GLU C 96 -14.26 39.60 -14.94
N ILE C 97 -13.33 38.94 -15.64
CA ILE C 97 -13.71 38.19 -16.85
C ILE C 97 -14.73 37.09 -16.51
N LEU C 98 -14.48 36.36 -15.43
CA LEU C 98 -15.43 35.33 -14.96
C LEU C 98 -16.79 35.92 -14.59
N ASP C 99 -16.76 37.07 -13.92
CA ASP C 99 -17.99 37.77 -13.55
C ASP C 99 -18.74 38.18 -14.80
N GLN C 100 -18.03 38.73 -15.78
CA GLN C 100 -18.67 39.17 -17.03
C GLN C 100 -19.29 38.01 -17.80
N LEU C 101 -18.67 36.83 -17.70
CA LEU C 101 -19.17 35.62 -18.37
C LEU C 101 -20.24 34.88 -17.57
N GLY C 102 -20.46 35.28 -16.32
CA GLY C 102 -21.43 34.61 -15.47
C GLY C 102 -20.98 33.21 -15.06
N VAL C 103 -19.67 33.04 -14.85
CA VAL C 103 -19.12 31.76 -14.38
C VAL C 103 -19.04 31.80 -12.86
N GLU C 104 -19.64 30.80 -12.22
CA GLU C 104 -19.58 30.67 -10.77
C GLU C 104 -18.40 29.80 -10.36
N THR C 105 -18.52 28.48 -10.55
CA THR C 105 -17.49 27.54 -10.09
C THR C 105 -16.47 27.25 -11.20
N PHE C 106 -15.20 27.23 -10.84
CA PHE C 106 -14.15 26.95 -11.82
C PHE C 106 -13.01 26.15 -11.21
N LEU C 107 -12.33 25.42 -12.08
CA LEU C 107 -11.08 24.75 -11.74
C LEU C 107 -9.93 25.49 -12.46
N PRO C 108 -9.11 26.25 -11.71
CA PRO C 108 -7.95 26.89 -12.27
C PRO C 108 -6.78 25.95 -12.49
N VAL C 109 -6.07 26.20 -13.59
CA VAL C 109 -4.94 25.39 -14.02
C VAL C 109 -3.89 26.37 -14.51
N SER C 110 -2.70 26.35 -13.93
CA SER C 110 -1.67 27.29 -14.31
C SER C 110 -0.47 26.67 -14.98
N HIS C 111 0.25 27.50 -15.73
CA HIS C 111 1.55 27.16 -16.26
C HIS C 111 2.64 27.96 -15.61
N SER C 112 3.61 27.25 -15.03
CA SER C 112 4.75 27.90 -14.41
C SER C 112 4.34 29.08 -13.48
N HIS C 113 4.86 30.28 -13.71
CA HIS C 113 4.63 31.38 -12.79
C HIS C 113 3.26 32.04 -12.88
N GLY C 114 2.41 31.50 -13.74
CA GLY C 114 1.00 31.69 -13.62
C GLY C 114 0.46 31.16 -12.31
N GLY C 115 1.22 30.28 -11.64
CA GLY C 115 0.81 29.73 -10.35
C GLY C 115 0.64 30.76 -9.25
N TRP C 116 1.38 31.86 -9.30
CA TRP C 116 1.18 32.95 -8.35
C TRP C 116 -0.26 33.50 -8.44
N VAL C 117 -0.76 33.61 -9.68
CA VAL C 117 -2.14 34.01 -9.93
C VAL C 117 -3.09 32.96 -9.42
N LEU C 118 -2.78 31.69 -9.69
CA LEU C 118 -3.66 30.60 -9.27
C LEU C 118 -3.87 30.53 -7.75
N VAL C 119 -2.78 30.59 -7.01
CA VAL C 119 -2.82 30.46 -5.54
C VAL C 119 -3.57 31.66 -4.94
N GLU C 120 -3.24 32.88 -5.40
CA GLU C 120 -3.92 34.07 -4.92
C GLU C 120 -5.38 34.08 -5.33
N LEU C 121 -5.67 33.52 -6.50
CA LEU C 121 -7.03 33.32 -6.95
C LEU C 121 -7.81 32.36 -6.04
N LEU C 122 -7.17 31.26 -5.62
CA LEU C 122 -7.79 30.36 -4.66
C LEU C 122 -8.14 31.07 -3.35
N GLU C 123 -7.24 31.91 -2.87
CA GLU C 123 -7.47 32.69 -1.66
C GLU C 123 -8.66 33.63 -1.84
N GLN C 124 -8.62 34.42 -2.91
CA GLN C 124 -9.62 35.45 -3.14
C GLN C 124 -10.98 34.92 -3.50
N ALA C 125 -11.02 33.87 -4.32
CA ALA C 125 -12.30 33.29 -4.72
C ALA C 125 -12.92 32.40 -3.66
N GLY C 126 -12.09 31.79 -2.81
CA GLY C 126 -12.57 30.89 -1.77
C GLY C 126 -12.91 29.50 -2.28
N PRO C 127 -13.01 28.53 -1.37
CA PRO C 127 -13.14 27.11 -1.70
C PRO C 127 -14.46 26.67 -2.34
N GLU C 128 -15.53 27.45 -2.22
CA GLU C 128 -16.78 27.09 -2.89
C GLU C 128 -16.75 27.43 -4.38
N ARG C 129 -16.24 28.62 -4.73
CA ARG C 129 -16.06 28.99 -6.12
C ARG C 129 -14.90 28.23 -6.77
N ALA C 130 -13.82 28.01 -6.01
CA ALA C 130 -12.58 27.42 -6.55
C ALA C 130 -12.11 26.32 -5.61
N PRO C 131 -12.78 25.15 -5.67
CA PRO C 131 -12.56 24.06 -4.72
C PRO C 131 -11.23 23.31 -4.87
N ARG C 132 -10.63 23.36 -6.05
CA ARG C 132 -9.34 22.70 -6.32
C ARG C 132 -8.50 23.51 -7.29
N GLY C 133 -7.24 23.12 -7.46
CA GLY C 133 -6.40 23.74 -8.47
C GLY C 133 -5.34 22.78 -8.97
N ILE C 134 -4.91 22.98 -10.22
CA ILE C 134 -3.78 22.24 -10.76
C ILE C 134 -2.71 23.25 -11.16
N ILE C 135 -1.49 23.02 -10.68
CA ILE C 135 -0.34 23.84 -11.04
C ILE C 135 0.60 22.99 -11.91
N MET C 136 0.96 23.51 -13.08
CA MET C 136 1.85 22.79 -13.97
C MET C 136 3.24 23.38 -13.94
N ASP C 137 4.22 22.51 -13.81
CA ASP C 137 5.64 22.86 -13.95
C ASP C 137 6.04 24.24 -13.41
N TRP C 138 6.04 24.36 -12.08
CA TRP C 138 6.25 25.60 -11.39
C TRP C 138 7.31 25.36 -10.34
N LEU C 139 8.40 26.11 -10.42
CA LEU C 139 9.55 25.94 -9.53
C LEU C 139 9.16 26.14 -8.05
N MET C 140 9.11 25.02 -7.34
CA MET C 140 8.58 24.95 -5.96
C MET C 140 9.54 25.49 -4.90
N TRP C 141 10.83 25.41 -5.17
CA TRP C 141 11.83 25.96 -4.25
C TRP C 141 12.19 27.38 -4.64
N ALA C 142 12.80 28.12 -3.71
CA ALA C 142 13.27 29.46 -3.97
C ALA C 142 14.38 29.40 -5.03
N PRO C 143 14.56 30.49 -5.80
CA PRO C 143 15.46 30.42 -6.95
C PRO C 143 16.86 29.90 -6.64
N LYS C 144 17.28 28.91 -7.41
CA LYS C 144 18.68 28.47 -7.47
C LYS C 144 19.48 29.51 -8.26
N PRO C 145 20.83 29.43 -8.20
CA PRO C 145 21.67 30.44 -8.85
C PRO C 145 21.39 30.68 -10.33
N ASP C 146 21.22 29.62 -11.12
CA ASP C 146 20.98 29.79 -12.55
CA ASP C 146 20.96 29.77 -12.56
C ASP C 146 19.69 30.58 -12.85
N PHE C 147 18.60 30.23 -12.18
CA PHE C 147 17.33 30.92 -12.41
C PHE C 147 17.36 32.36 -11.87
N ALA C 148 17.97 32.52 -10.69
CA ALA C 148 18.14 33.83 -10.11
C ALA C 148 18.89 34.74 -11.09
N LYS C 149 19.94 34.20 -11.67
CA LYS C 149 20.71 34.88 -12.71
C LYS C 149 19.83 35.29 -13.90
N SER C 150 19.01 34.34 -14.36
CA SER C 150 18.04 34.63 -15.45
C SER C 150 17.10 35.78 -15.14
N LEU C 151 16.57 35.83 -13.93
CA LEU C 151 15.70 36.92 -13.53
C LEU C 151 16.44 38.24 -13.55
N THR C 152 17.68 38.22 -13.07
CA THR C 152 18.57 39.40 -13.12
C THR C 152 18.75 39.89 -14.54
N LEU C 153 18.96 38.95 -15.47
CA LEU C 153 19.10 39.31 -16.87
C LEU C 153 17.81 39.86 -17.50
N LEU C 154 16.65 39.29 -17.14
CA LEU C 154 15.38 39.77 -17.67
C LEU C 154 15.14 41.24 -17.30
N LYS C 155 15.55 41.59 -16.09
CA LYS C 155 15.36 42.95 -15.57
C LYS C 155 16.26 43.98 -16.23
N ASP C 156 17.35 43.53 -16.83
CA ASP C 156 18.34 44.39 -17.48
C ASP C 156 17.94 44.80 -18.90
N PRO C 157 17.75 46.12 -19.13
CA PRO C 157 17.33 46.55 -20.45
C PRO C 157 18.36 46.25 -21.54
N GLU C 158 19.62 45.99 -21.15
CA GLU C 158 20.68 45.62 -22.11
C GLU C 158 20.83 44.11 -22.34
N ARG C 159 20.24 43.28 -21.46
CA ARG C 159 20.47 41.83 -21.53
C ARG C 159 19.21 40.99 -21.43
N TRP C 160 18.04 41.61 -21.55
CA TRP C 160 16.79 40.89 -21.35
C TRP C 160 16.64 39.75 -22.37
N ARG C 161 17.00 39.99 -23.63
CA ARG C 161 16.80 38.99 -24.68
C ARG C 161 17.72 37.78 -24.43
N GLU C 162 18.95 38.08 -24.04
CA GLU C 162 19.90 37.06 -23.57
C GLU C 162 19.33 36.26 -22.40
N GLY C 163 18.63 36.94 -21.49
CA GLY C 163 17.89 36.28 -20.42
C GLY C 163 16.88 35.27 -20.94
N THR C 164 16.05 35.68 -21.89
CA THR C 164 15.00 34.80 -22.45
C THR C 164 15.61 33.60 -23.13
N HIS C 165 16.76 33.82 -23.80
CA HIS C 165 17.45 32.75 -24.53
C HIS C 165 18.01 31.66 -23.58
N GLY C 166 18.54 32.10 -22.45
CA GLY C 166 18.97 31.22 -21.40
C GLY C 166 17.83 30.40 -20.78
N LEU C 167 16.65 31.01 -20.65
CA LEU C 167 15.46 30.28 -20.17
C LEU C 167 14.96 29.29 -21.20
N PHE C 168 14.97 29.69 -22.47
CA PHE C 168 14.57 28.78 -23.55
C PHE C 168 15.45 27.53 -23.57
N ASP C 169 16.75 27.69 -23.35
CA ASP C 169 17.69 26.55 -23.24
C ASP C 169 17.29 25.59 -22.11
N VAL C 170 17.02 26.16 -20.93
CA VAL C 170 16.61 25.39 -19.76
C VAL C 170 15.30 24.65 -20.04
N TRP C 171 14.31 25.36 -20.59
CA TRP C 171 12.97 24.82 -20.80
C TRP C 171 12.94 23.67 -21.84
N LEU C 172 13.77 23.77 -22.85
CA LEU C 172 13.87 22.76 -23.92
C LEU C 172 14.68 21.57 -23.50
N ASP C 173 15.61 21.79 -22.58
CA ASP C 173 16.38 20.72 -21.91
C ASP C 173 17.02 19.75 -22.89
N GLY C 174 17.58 20.29 -23.97
CA GLY C 174 18.31 19.47 -24.93
C GLY C 174 17.47 18.73 -25.95
N HIS C 175 16.18 19.07 -26.03
CA HIS C 175 15.28 18.42 -26.94
C HIS C 175 14.96 19.27 -28.14
N ASP C 176 14.95 18.63 -29.31
CA ASP C 176 14.45 19.26 -30.54
C ASP C 176 12.93 19.05 -30.61
N GLU C 177 12.23 19.69 -29.69
CA GLU C 177 10.79 19.50 -29.57
CA GLU C 177 10.79 19.48 -29.60
C GLU C 177 10.09 20.57 -30.41
N LYS C 178 9.64 20.16 -31.59
CA LYS C 178 9.13 21.07 -32.63
C LYS C 178 8.07 22.06 -32.16
N ARG C 179 7.08 21.55 -31.44
CA ARG C 179 5.96 22.38 -30.96
C ARG C 179 6.34 23.39 -29.88
N VAL C 180 7.22 23.00 -28.97
CA VAL C 180 7.64 23.87 -27.89
C VAL C 180 8.58 24.93 -28.40
N ARG C 181 9.45 24.52 -29.32
CA ARG C 181 10.31 25.46 -30.02
C ARG C 181 9.49 26.54 -30.75
N HIS C 182 8.43 26.12 -31.46
CA HIS C 182 7.52 27.07 -32.15
C HIS C 182 6.91 28.07 -31.17
N HIS C 183 6.49 27.56 -30.01
CA HIS C 183 5.94 28.42 -28.99
C HIS C 183 6.93 29.50 -28.49
N LEU C 184 8.14 29.09 -28.12
CA LEU C 184 9.15 30.00 -27.59
C LEU C 184 9.68 30.97 -28.66
N LEU C 185 9.91 30.48 -29.86
CA LEU C 185 10.66 31.27 -30.87
C LEU C 185 9.76 32.09 -31.79
N GLU C 186 8.52 31.64 -31.96
CA GLU C 186 7.55 32.32 -32.79
C GLU C 186 6.43 32.95 -31.96
N GLU C 187 5.85 32.20 -31.04
CA GLU C 187 4.69 32.67 -30.29
C GLU C 187 5.04 33.61 -29.15
N MET C 188 6.32 33.68 -28.75
CA MET C 188 6.76 34.67 -27.76
CA MET C 188 6.76 34.67 -27.76
C MET C 188 7.59 35.79 -28.40
N ALA C 189 7.75 35.75 -29.73
CA ALA C 189 8.67 36.67 -30.43
C ALA C 189 8.27 38.14 -30.37
N ASP C 190 6.97 38.42 -30.26
CA ASP C 190 6.48 39.81 -30.22
C ASP C 190 6.50 40.44 -28.84
N TYR C 191 6.89 39.66 -27.82
CA TYR C 191 6.97 40.21 -26.49
C TYR C 191 8.32 40.88 -26.29
N GLY C 192 8.32 42.07 -25.68
CA GLY C 192 9.57 42.84 -25.46
C GLY C 192 9.96 43.04 -24.02
N TYR C 193 10.92 43.95 -23.81
CA TYR C 193 11.44 44.26 -22.48
C TYR C 193 10.36 44.74 -21.48
N ASP C 194 9.33 45.41 -21.98
CA ASP C 194 8.25 45.87 -21.09
C ASP C 194 7.63 44.70 -20.33
N CYS C 195 7.49 43.58 -21.01
CA CYS C 195 6.94 42.38 -20.35
C CYS C 195 8.00 41.60 -19.60
N TRP C 196 9.11 41.31 -20.27
CA TRP C 196 10.12 40.41 -19.70
C TRP C 196 10.77 41.03 -18.48
N GLY C 197 11.05 42.34 -18.54
CA GLY C 197 11.53 43.03 -17.37
C GLY C 197 10.53 42.95 -16.23
N ARG C 198 9.26 43.17 -16.55
CA ARG C 198 8.17 43.11 -15.58
C ARG C 198 8.09 41.74 -14.90
N SER C 199 8.12 40.69 -15.72
CA SER C 199 8.08 39.31 -15.23
C SER C 199 9.22 39.02 -14.27
N GLY C 200 10.42 39.51 -14.60
CA GLY C 200 11.57 39.37 -13.73
C GLY C 200 11.35 40.01 -12.38
N ARG C 201 10.83 41.24 -12.39
CA ARG C 201 10.58 42.01 -11.17
C ARG C 201 9.47 41.38 -10.33
N VAL C 202 8.37 41.00 -10.99
CA VAL C 202 7.24 40.38 -10.32
C VAL C 202 7.60 39.03 -9.70
N ILE C 203 8.29 38.18 -10.46
CA ILE C 203 8.59 36.82 -9.96
C ILE C 203 9.58 36.94 -8.81
N GLU C 204 10.61 37.76 -8.99
CA GLU C 204 11.60 37.97 -7.95
C GLU C 204 10.95 38.49 -6.67
N ASP C 205 10.03 39.44 -6.81
CA ASP C 205 9.27 39.99 -5.67
C ASP C 205 8.33 38.96 -5.05
N ALA C 206 7.74 38.06 -5.84
CA ALA C 206 6.83 37.04 -5.32
C ALA C 206 7.54 36.04 -4.41
N TYR C 207 8.70 35.57 -4.87
CA TYR C 207 9.54 34.69 -4.06
C TYR C 207 9.96 35.45 -2.81
N GLY C 208 10.44 36.69 -2.98
CA GLY C 208 10.88 37.52 -1.85
C GLY C 208 9.78 37.72 -0.81
N ARG C 209 8.59 38.04 -1.30
CA ARG C 209 7.43 38.33 -0.46
C ARG C 209 6.77 37.09 0.15
N ASN C 210 6.58 36.04 -0.64
CA ASN C 210 5.88 34.81 -0.18
C ASN C 210 6.83 33.66 0.21
N GLY C 211 8.12 33.82 -0.04
CA GLY C 211 9.11 32.75 0.24
C GLY C 211 9.24 31.74 -0.88
N SER C 212 8.16 31.03 -1.17
CA SER C 212 8.12 30.04 -2.25
C SER C 212 6.68 29.70 -2.56
N PRO C 213 6.44 29.04 -3.71
CA PRO C 213 5.10 28.53 -4.00
C PRO C 213 4.55 27.59 -2.94
N MET C 214 5.41 26.74 -2.38
CA MET C 214 5.01 25.88 -1.28
C MET C 214 4.61 26.66 -0.01
N GLN C 215 5.38 27.67 0.37
CA GLN C 215 5.01 28.49 1.55
C GLN C 215 3.66 29.17 1.35
N MET C 216 3.49 29.79 0.18
CA MET C 216 2.25 30.47 -0.18
C MET C 216 1.03 29.54 -0.11
N MET C 217 1.16 28.31 -0.62
CA MET C 217 0.03 27.38 -0.62
C MET C 217 -0.32 26.95 0.79
N ALA C 218 0.70 26.59 1.56
CA ALA C 218 0.52 26.21 2.96
C ALA C 218 -0.11 27.33 3.80
N ASN C 219 0.10 28.58 3.37
CA ASN C 219 -0.44 29.76 4.06
C ASN C 219 -1.85 30.17 3.67
N LEU C 220 -2.48 29.42 2.76
CA LEU C 220 -3.87 29.67 2.37
C LEU C 220 -4.79 29.62 3.58
N THR C 221 -5.72 30.56 3.67
CA THR C 221 -6.70 30.58 4.77
C THR C 221 -7.50 29.29 4.78
N LYS C 222 -7.92 28.87 3.59
CA LYS C 222 -8.64 27.60 3.38
C LYS C 222 -7.85 26.69 2.45
N THR C 223 -7.11 25.73 3.01
CA THR C 223 -6.40 24.78 2.15
C THR C 223 -7.39 23.84 1.48
N ARG C 224 -6.96 23.29 0.34
CA ARG C 224 -7.79 22.65 -0.65
C ARG C 224 -6.94 21.70 -1.46
N PRO C 225 -7.56 20.72 -2.14
CA PRO C 225 -6.79 19.86 -3.04
C PRO C 225 -6.06 20.63 -4.15
N ILE C 226 -4.74 20.52 -4.15
CA ILE C 226 -3.91 21.09 -5.21
C ILE C 226 -2.96 19.98 -5.68
N ARG C 227 -2.87 19.78 -6.98
CA ARG C 227 -1.86 18.89 -7.53
C ARG C 227 -0.82 19.64 -8.37
N HIS C 228 0.45 19.35 -8.12
CA HIS C 228 1.52 19.83 -9.01
C HIS C 228 1.90 18.75 -10.02
N ILE C 229 1.67 19.03 -11.31
CA ILE C 229 2.06 18.09 -12.36
C ILE C 229 3.19 18.73 -13.14
N PHE C 230 4.30 18.02 -13.29
CA PHE C 230 5.52 18.59 -13.85
C PHE C 230 6.38 17.58 -14.60
N SER C 231 7.15 18.07 -15.56
CA SER C 231 8.16 17.27 -16.24
C SER C 231 9.57 17.68 -15.82
N GLN C 232 9.75 18.94 -15.41
CA GLN C 232 11.07 19.45 -15.04
CA GLN C 232 11.06 19.49 -15.07
C GLN C 232 11.00 20.26 -13.74
N PRO C 233 12.16 20.39 -13.04
CA PRO C 233 13.46 19.79 -13.31
C PRO C 233 13.40 18.28 -13.11
N THR C 234 14.32 17.55 -13.72
CA THR C 234 14.26 16.09 -13.69
C THR C 234 15.06 15.44 -12.55
N GLU C 235 15.75 16.22 -11.72
CA GLU C 235 16.62 15.68 -10.66
C GLU C 235 15.83 15.06 -9.51
N PRO C 236 16.39 14.02 -8.88
CA PRO C 236 15.76 13.42 -7.70
C PRO C 236 15.57 14.38 -6.51
N GLU C 237 16.45 15.36 -6.35
CA GLU C 237 16.32 16.33 -5.26
C GLU C 237 15.04 17.15 -5.40
N TYR C 238 14.60 17.37 -6.64
CA TYR C 238 13.36 18.13 -6.88
C TYR C 238 12.14 17.29 -6.58
N GLU C 239 12.15 16.03 -7.03
CA GLU C 239 11.03 15.16 -6.72
C GLU C 239 10.90 15.01 -5.21
N LYS C 240 12.03 14.97 -4.52
CA LYS C 240 12.03 14.82 -3.07
C LYS C 240 11.32 15.96 -2.34
N ILE C 241 11.47 17.20 -2.79
CA ILE C 241 10.79 18.29 -2.09
C ILE C 241 9.28 18.21 -2.34
N ASN C 242 8.89 17.67 -3.50
CA ASN C 242 7.47 17.45 -3.78
C ASN C 242 6.91 16.31 -2.92
N SER C 243 7.65 15.20 -2.84
CA SER C 243 7.27 14.08 -1.97
C SER C 243 7.21 14.47 -0.50
N ASP C 244 8.21 15.23 -0.02
CA ASP C 244 8.20 15.74 1.37
C ASP C 244 7.04 16.67 1.68
N PHE C 245 6.73 17.59 0.76
CA PHE C 245 5.60 18.50 0.93
C PHE C 245 4.28 17.72 0.95
N ALA C 246 4.17 16.73 0.08
CA ALA C 246 2.96 15.92 -0.04
C ALA C 246 2.75 15.05 1.20
N GLU C 247 3.85 14.55 1.75
CA GLU C 247 3.84 13.82 3.02
C GLU C 247 3.24 14.69 4.14
N GLN C 248 3.60 15.97 4.13
CA GLN C 248 3.24 16.86 5.22
C GLN C 248 1.83 17.42 5.10
N HIS C 249 1.32 17.55 3.88
CA HIS C 249 0.06 18.21 3.61
C HIS C 249 -0.88 17.27 2.88
N PRO C 250 -1.92 16.77 3.57
CA PRO C 250 -2.90 15.86 2.98
C PRO C 250 -3.52 16.36 1.66
N TRP C 251 -3.62 17.68 1.52
CA TRP C 251 -4.31 18.29 0.37
C TRP C 251 -3.42 18.44 -0.86
N PHE C 252 -2.10 18.27 -0.70
CA PHE C 252 -1.17 18.37 -1.82
C PHE C 252 -0.85 17.02 -2.41
N SER C 253 -0.82 16.95 -3.75
CA SER C 253 -0.34 15.78 -4.46
C SER C 253 0.52 16.24 -5.63
N TYR C 254 1.23 15.30 -6.24
CA TYR C 254 1.97 15.63 -7.45
C TYR C 254 2.03 14.44 -8.38
N ALA C 255 2.40 14.71 -9.64
CA ALA C 255 2.64 13.66 -10.61
C ALA C 255 3.77 14.09 -11.54
N LYS C 256 4.79 13.25 -11.65
CA LYS C 256 5.87 13.51 -12.60
C LYS C 256 5.42 12.96 -13.96
N LEU C 257 5.24 13.85 -14.91
CA LEU C 257 4.66 13.49 -16.19
C LEU C 257 5.64 12.93 -17.20
N GLY C 258 6.93 13.13 -17.00
CA GLY C 258 7.93 12.52 -17.87
C GLY C 258 8.02 13.08 -19.29
N GLY C 259 7.49 14.29 -19.52
CA GLY C 259 7.61 14.95 -20.83
C GLY C 259 9.01 15.54 -21.01
N PRO C 260 9.37 15.94 -22.24
CA PRO C 260 10.75 16.34 -22.52
C PRO C 260 11.02 17.76 -22.07
N THR C 261 10.03 18.65 -22.11
CA THR C 261 10.25 20.06 -21.83
C THR C 261 9.53 20.56 -20.58
N ALA C 262 9.79 21.82 -20.26
CA ALA C 262 9.08 22.50 -19.17
C ALA C 262 7.64 22.92 -19.56
N PHE C 263 7.16 22.52 -20.75
CA PHE C 263 5.82 22.87 -21.24
C PHE C 263 4.92 21.66 -21.47
N PRO C 264 4.48 20.99 -20.39
CA PRO C 264 3.65 19.79 -20.62
C PRO C 264 2.32 20.05 -21.29
N ALA C 265 1.77 21.25 -21.11
CA ALA C 265 0.54 21.62 -21.79
C ALA C 265 0.69 21.46 -23.30
N ILE C 266 1.91 21.72 -23.81
CA ILE C 266 2.22 21.54 -25.21
C ILE C 266 2.67 20.12 -25.57
N ASP C 267 3.61 19.57 -24.82
CA ASP C 267 4.26 18.32 -25.26
C ASP C 267 3.67 17.03 -24.69
N VAL C 268 2.87 17.10 -23.62
CA VAL C 268 2.10 15.96 -23.17
C VAL C 268 0.66 16.34 -22.83
N PRO C 269 -0.08 16.96 -23.79
CA PRO C 269 -1.38 17.55 -23.50
C PRO C 269 -2.41 16.54 -23.04
N ASP C 270 -2.32 15.32 -23.56
CA ASP C 270 -3.18 14.22 -23.14
C ASP C 270 -2.99 13.88 -21.65
N ARG C 271 -1.75 13.92 -21.18
CA ARG C 271 -1.47 13.63 -19.79
C ARG C 271 -1.91 14.75 -18.88
N ALA C 272 -1.62 15.99 -19.26
CA ALA C 272 -2.13 17.14 -18.50
C ALA C 272 -3.65 17.05 -18.40
N ALA C 273 -4.29 16.68 -19.49
CA ALA C 273 -5.75 16.60 -19.54
C ALA C 273 -6.35 15.58 -18.57
N VAL C 274 -5.73 14.41 -18.43
CA VAL C 274 -6.31 13.37 -17.57
C VAL C 274 -6.30 13.81 -16.11
N HIS C 275 -5.30 14.58 -15.72
CA HIS C 275 -5.21 15.12 -14.35
C HIS C 275 -6.25 16.21 -14.10
N ILE C 276 -6.44 17.07 -15.12
CA ILE C 276 -7.49 18.07 -15.09
C ILE C 276 -8.88 17.41 -15.00
N ARG C 277 -9.14 16.42 -15.85
CA ARG C 277 -10.41 15.70 -15.80
C ARG C 277 -10.66 15.03 -14.45
N GLU C 278 -9.61 14.48 -13.85
CA GLU C 278 -9.72 13.85 -12.55
C GLU C 278 -10.20 14.83 -11.48
N PHE C 279 -9.61 16.01 -11.46
CA PHE C 279 -10.01 17.05 -10.52
C PHE C 279 -11.42 17.58 -10.82
N ALA C 280 -11.76 17.74 -12.10
CA ALA C 280 -13.11 18.20 -12.49
C ALA C 280 -14.19 17.18 -12.10
N THR C 281 -13.87 15.90 -12.30
CA THR C 281 -14.76 14.81 -11.88
C THR C 281 -14.96 14.77 -10.37
N ALA C 282 -13.88 14.97 -9.63
CA ALA C 282 -13.95 15.04 -8.17
C ALA C 282 -14.84 16.19 -7.69
N ILE C 283 -14.71 17.34 -8.35
CA ILE C 283 -15.55 18.50 -7.99
C ILE C 283 -17.02 18.20 -8.24
N ARG C 284 -17.31 17.58 -9.39
CA ARG C 284 -18.68 17.18 -9.73
C ARG C 284 -19.31 16.17 -8.76
N GLN C 285 -18.49 15.47 -7.98
CA GLN C 285 -18.97 14.56 -6.96
C GLN C 285 -18.83 15.15 -5.55
N GLY C 286 -19.30 16.37 -5.35
CA GLY C 286 -19.26 17.04 -4.05
C GLY C 286 -18.12 18.04 -3.94
N THR D 15 30.96 -18.77 -26.59
CA THR D 15 32.20 -19.55 -26.79
C THR D 15 33.20 -19.50 -25.60
N TYR D 16 34.37 -19.93 -26.01
CA TYR D 16 35.58 -20.09 -25.23
C TYR D 16 35.60 -21.37 -24.43
N LEU D 17 34.52 -22.15 -24.47
CA LEU D 17 34.42 -23.36 -23.68
C LEU D 17 35.15 -24.55 -24.31
N HIS D 18 35.99 -25.21 -23.52
CA HIS D 18 36.71 -26.42 -23.92
C HIS D 18 36.47 -27.58 -22.96
N GLU D 19 36.96 -28.76 -23.34
CA GLU D 19 36.98 -29.93 -22.48
C GLU D 19 38.30 -30.67 -22.66
N THR D 20 38.86 -31.19 -21.57
CA THR D 20 40.08 -31.97 -21.61
C THR D 20 40.10 -33.01 -20.50
N LEU D 21 40.89 -34.06 -20.73
CA LEU D 21 41.04 -35.10 -19.75
C LEU D 21 42.05 -34.64 -18.72
N VAL D 22 41.63 -34.67 -17.45
CA VAL D 22 42.45 -34.23 -16.33
C VAL D 22 42.55 -35.43 -15.40
N PHE D 23 43.67 -36.13 -15.48
CA PHE D 23 43.86 -37.43 -14.81
C PHE D 23 42.77 -38.42 -15.24
N ASP D 24 41.80 -38.73 -14.37
CA ASP D 24 40.72 -39.67 -14.70
C ASP D 24 39.46 -39.02 -15.28
N ASN D 25 39.37 -37.68 -15.23
CA ASN D 25 38.09 -37.02 -15.45
C ASN D 25 38.12 -36.05 -16.62
N LYS D 26 37.03 -36.05 -17.38
CA LYS D 26 36.83 -35.07 -18.43
C LYS D 26 36.30 -33.81 -17.78
N LEU D 27 37.06 -32.73 -17.82
CA LEU D 27 36.62 -31.46 -17.24
C LEU D 27 36.46 -30.40 -18.32
N SER D 28 35.38 -29.64 -18.23
CA SER D 28 35.23 -28.46 -19.07
C SER D 28 35.93 -27.29 -18.40
N TYR D 29 36.29 -26.30 -19.21
CA TYR D 29 36.90 -25.08 -18.76
C TYR D 29 36.76 -23.98 -19.81
N ILE D 30 36.70 -22.73 -19.35
CA ILE D 30 36.78 -21.56 -20.23
C ILE D 30 38.25 -21.20 -20.43
N ASP D 31 38.58 -20.81 -21.66
CA ASP D 31 39.89 -20.26 -22.03
C ASP D 31 39.70 -19.37 -23.25
N ASN D 32 39.90 -18.07 -23.09
CA ASN D 32 39.79 -17.14 -24.22
C ASN D 32 41.04 -17.13 -25.10
N GLN D 33 42.07 -17.84 -24.68
CA GLN D 33 43.31 -18.03 -25.45
C GLN D 33 43.92 -16.70 -25.88
N ARG D 34 43.69 -15.65 -25.10
CA ARG D 34 44.17 -14.32 -25.45
C ARG D 34 45.68 -14.37 -25.37
N ASP D 35 46.35 -13.94 -26.44
CA ASP D 35 47.79 -13.84 -26.46
C ASP D 35 48.20 -12.45 -25.99
N THR D 36 48.72 -12.38 -24.77
CA THR D 36 49.07 -11.11 -24.16
C THR D 36 50.01 -11.32 -22.98
N ASP D 37 50.49 -10.22 -22.40
CA ASP D 37 51.34 -10.28 -21.21
C ASP D 37 50.63 -10.95 -20.05
N GLY D 38 51.40 -11.67 -19.22
CA GLY D 38 50.87 -12.27 -18.01
C GLY D 38 50.56 -11.19 -16.97
N PRO D 39 49.91 -11.57 -15.86
CA PRO D 39 49.50 -12.92 -15.52
C PRO D 39 48.15 -13.31 -16.11
N ALA D 40 47.91 -14.60 -16.20
CA ALA D 40 46.59 -15.11 -16.60
C ALA D 40 45.67 -14.90 -15.42
N ILE D 41 44.41 -14.61 -15.70
CA ILE D 41 43.42 -14.51 -14.64
CA ILE D 41 43.37 -14.49 -14.67
C ILE D 41 42.64 -15.82 -14.56
N LEU D 42 42.77 -16.47 -13.41
CA LEU D 42 42.16 -17.74 -13.14
C LEU D 42 40.95 -17.53 -12.23
N LEU D 43 39.76 -17.57 -12.83
CA LEU D 43 38.51 -17.44 -12.10
C LEU D 43 38.08 -18.80 -11.61
N LEU D 44 37.93 -18.92 -10.29
CA LEU D 44 37.56 -20.17 -9.64
C LEU D 44 36.11 -20.18 -9.14
N PRO D 45 35.27 -21.07 -9.70
CA PRO D 45 33.93 -21.26 -9.19
C PRO D 45 33.87 -21.86 -7.78
N GLY D 46 32.80 -21.55 -7.07
CA GLY D 46 32.40 -22.27 -5.88
C GLY D 46 31.82 -23.63 -6.15
N TRP D 47 31.06 -24.15 -5.20
CA TRP D 47 30.49 -25.49 -5.30
C TRP D 47 29.12 -25.48 -5.96
N CYS D 48 28.95 -26.40 -6.91
CA CYS D 48 27.66 -26.70 -7.53
C CYS D 48 27.15 -25.56 -8.38
N HIS D 49 28.12 -24.87 -8.99
CA HIS D 49 27.87 -24.05 -10.13
C HIS D 49 29.15 -24.05 -10.99
N ASP D 50 29.06 -23.40 -12.15
CA ASP D 50 30.14 -23.46 -13.16
C ASP D 50 30.47 -22.08 -13.72
N HIS D 51 31.31 -22.06 -14.75
CA HIS D 51 31.76 -20.85 -15.45
C HIS D 51 30.69 -19.83 -15.83
N ARG D 52 29.42 -20.25 -15.94
CA ARG D 52 28.32 -19.31 -16.21
C ARG D 52 28.21 -18.17 -15.18
N VAL D 53 28.59 -18.44 -13.93
CA VAL D 53 28.62 -17.38 -12.88
C VAL D 53 29.51 -16.21 -13.32
N TYR D 54 30.51 -16.50 -14.15
CA TYR D 54 31.51 -15.50 -14.51
C TYR D 54 31.31 -14.83 -15.85
N LYS D 55 30.21 -15.11 -16.54
CA LYS D 55 30.06 -14.63 -17.92
C LYS D 55 30.15 -13.10 -18.03
N TYR D 56 29.65 -12.37 -17.04
CA TYR D 56 29.74 -10.90 -17.11
C TYR D 56 31.15 -10.40 -16.79
N LEU D 57 31.79 -11.08 -15.84
CA LEU D 57 33.15 -10.73 -15.46
C LEU D 57 34.15 -11.06 -16.59
N ILE D 58 33.95 -12.20 -17.26
CA ILE D 58 34.77 -12.56 -18.42
C ILE D 58 34.72 -11.43 -19.46
N GLN D 59 33.54 -10.92 -19.75
CA GLN D 59 33.41 -9.79 -20.71
C GLN D 59 34.15 -8.52 -20.31
N GLU D 60 34.19 -8.21 -19.01
CA GLU D 60 34.95 -7.05 -18.52
C GLU D 60 36.45 -7.19 -18.80
N LEU D 61 36.96 -8.41 -18.69
CA LEU D 61 38.39 -8.70 -18.74
C LEU D 61 38.87 -9.25 -20.09
N ASP D 62 37.93 -9.74 -20.89
CA ASP D 62 38.23 -10.52 -22.09
C ASP D 62 39.33 -9.88 -22.96
N ALA D 63 39.20 -8.58 -23.19
CA ALA D 63 40.08 -7.88 -24.13
C ALA D 63 41.54 -7.79 -23.71
N ASP D 64 41.80 -7.68 -22.40
CA ASP D 64 43.13 -7.33 -21.93
C ASP D 64 43.88 -8.45 -21.23
N PHE D 65 43.21 -9.57 -21.00
CA PHE D 65 43.82 -10.65 -20.23
C PHE D 65 43.47 -11.98 -20.82
N ARG D 66 44.36 -12.94 -20.59
CA ARG D 66 44.01 -14.32 -20.73
C ARG D 66 43.19 -14.74 -19.51
N VAL D 67 42.01 -15.30 -19.77
CA VAL D 67 41.08 -15.67 -18.69
C VAL D 67 40.79 -17.16 -18.80
N ILE D 68 41.02 -17.87 -17.70
CA ILE D 68 40.78 -19.30 -17.61
C ILE D 68 39.79 -19.57 -16.46
N VAL D 69 38.78 -20.40 -16.71
CA VAL D 69 37.83 -20.81 -15.68
C VAL D 69 37.67 -22.34 -15.67
N PRO D 70 38.27 -23.02 -14.68
CA PRO D 70 38.06 -24.47 -14.63
C PRO D 70 36.69 -24.83 -14.03
N ASN D 71 36.05 -25.88 -14.53
CA ASN D 71 34.92 -26.48 -13.83
C ASN D 71 35.34 -27.74 -13.10
N TRP D 72 34.76 -27.95 -11.92
CA TRP D 72 35.21 -29.03 -11.05
C TRP D 72 34.63 -30.35 -11.55
N ARG D 73 35.11 -31.43 -10.96
CA ARG D 73 34.63 -32.75 -11.32
C ARG D 73 33.13 -32.81 -11.14
N GLY D 74 32.42 -33.24 -12.19
CA GLY D 74 30.98 -33.37 -12.13
C GLY D 74 30.24 -32.06 -12.33
N HIS D 75 30.98 -30.98 -12.59
CA HIS D 75 30.39 -29.67 -12.78
C HIS D 75 30.43 -29.32 -14.25
N GLY D 76 29.49 -28.49 -14.66
CA GLY D 76 29.48 -27.97 -16.02
C GLY D 76 28.05 -27.91 -16.51
N LEU D 77 27.90 -27.60 -17.79
CA LEU D 77 26.60 -27.53 -18.44
C LEU D 77 25.85 -28.86 -18.32
N SER D 78 26.60 -29.95 -18.27
CA SER D 78 26.03 -31.27 -18.04
C SER D 78 26.58 -31.86 -16.73
N PRO D 79 25.99 -31.47 -15.58
CA PRO D 79 26.47 -32.04 -14.31
C PRO D 79 26.40 -33.57 -14.29
N SER D 80 27.34 -34.21 -13.60
CA SER D 80 27.32 -35.66 -13.49
C SER D 80 27.78 -36.13 -12.13
N GLU D 81 27.37 -37.35 -11.79
CA GLU D 81 27.79 -38.00 -10.57
C GLU D 81 29.25 -38.40 -10.71
N VAL D 82 30.05 -38.15 -9.67
CA VAL D 82 31.46 -38.54 -9.68
C VAL D 82 31.87 -39.03 -8.30
N PRO D 83 33.03 -39.70 -8.20
CA PRO D 83 33.55 -40.10 -6.88
C PRO D 83 33.89 -38.90 -5.98
N ASP D 84 33.78 -39.08 -4.67
CA ASP D 84 34.06 -38.02 -3.71
C ASP D 84 35.43 -37.38 -3.91
N PHE D 85 35.47 -36.06 -3.81
CA PHE D 85 36.72 -35.31 -3.81
C PHE D 85 36.49 -34.02 -3.02
N GLY D 86 37.57 -33.31 -2.77
CA GLY D 86 37.53 -32.09 -1.95
C GLY D 86 38.42 -31.04 -2.53
N TYR D 87 38.71 -29.98 -1.75
CA TYR D 87 39.45 -28.84 -2.30
C TYR D 87 40.89 -29.11 -2.71
N GLN D 88 41.52 -30.06 -2.03
CA GLN D 88 42.85 -30.51 -2.45
C GLN D 88 42.85 -31.00 -3.91
N GLU D 89 41.82 -31.74 -4.28
CA GLU D 89 41.70 -32.27 -5.66
C GLU D 89 41.34 -31.15 -6.61
N GLN D 90 40.51 -30.21 -6.16
CA GLN D 90 40.20 -29.03 -6.98
C GLN D 90 41.49 -28.31 -7.36
N VAL D 91 42.42 -28.23 -6.42
CA VAL D 91 43.71 -27.59 -6.63
C VAL D 91 44.56 -28.35 -7.67
N LYS D 92 44.68 -29.66 -7.52
CA LYS D 92 45.46 -30.47 -8.47
C LYS D 92 44.83 -30.34 -9.86
N ASP D 93 43.50 -30.41 -9.93
CA ASP D 93 42.79 -30.28 -11.19
C ASP D 93 43.13 -28.98 -11.89
N ALA D 94 43.07 -27.88 -11.15
CA ALA D 94 43.34 -26.55 -11.69
C ALA D 94 44.76 -26.36 -12.19
N LEU D 95 45.73 -26.85 -11.44
CA LEU D 95 47.13 -26.76 -11.85
C LEU D 95 47.41 -27.60 -13.10
N GLU D 96 46.79 -28.76 -13.20
CA GLU D 96 46.98 -29.65 -14.35
C GLU D 96 46.44 -28.99 -15.62
N ILE D 97 45.28 -28.34 -15.51
CA ILE D 97 44.74 -27.55 -16.62
C ILE D 97 45.73 -26.43 -17.01
N LEU D 98 46.28 -25.72 -16.02
CA LEU D 98 47.30 -24.69 -16.27
C LEU D 98 48.56 -25.25 -16.92
N ASP D 99 48.99 -26.41 -16.45
CA ASP D 99 50.16 -27.09 -17.02
C ASP D 99 49.88 -27.45 -18.47
N GLN D 100 48.70 -28.00 -18.74
CA GLN D 100 48.34 -28.40 -20.11
C GLN D 100 48.29 -27.22 -21.04
N LEU D 101 47.88 -26.05 -20.53
CA LEU D 101 47.82 -24.82 -21.31
C LEU D 101 49.15 -24.08 -21.42
N GLY D 102 50.14 -24.49 -20.64
CA GLY D 102 51.43 -23.80 -20.62
C GLY D 102 51.36 -22.43 -19.96
N VAL D 103 50.53 -22.29 -18.93
CA VAL D 103 50.42 -21.04 -18.18
C VAL D 103 51.38 -21.10 -16.98
N GLU D 104 52.25 -20.12 -16.87
CA GLU D 104 53.18 -20.04 -15.75
C GLU D 104 52.54 -19.21 -14.61
N THR D 105 52.49 -17.89 -14.78
CA THR D 105 52.05 -16.99 -13.72
C THR D 105 50.57 -16.72 -13.85
N PHE D 106 49.86 -16.72 -12.72
CA PHE D 106 48.43 -16.46 -12.73
C PHE D 106 47.96 -15.72 -11.48
N LEU D 107 46.87 -15.00 -11.64
CA LEU D 107 46.19 -14.33 -10.54
C LEU D 107 44.87 -15.06 -10.34
N PRO D 108 44.76 -15.84 -9.27
CA PRO D 108 43.54 -16.52 -8.95
C PRO D 108 42.53 -15.60 -8.32
N VAL D 109 41.28 -15.83 -8.66
CA VAL D 109 40.14 -15.05 -8.18
C VAL D 109 39.06 -16.06 -7.87
N SER D 110 38.58 -16.09 -6.65
CA SER D 110 37.55 -17.04 -6.27
C SER D 110 36.20 -16.43 -5.91
N HIS D 111 35.17 -17.27 -6.02
CA HIS D 111 33.86 -16.93 -5.55
C HIS D 111 33.49 -17.78 -4.36
N SER D 112 33.13 -17.12 -3.26
CA SER D 112 32.69 -17.82 -2.05
C SER D 112 33.62 -18.98 -1.70
N HIS D 113 33.08 -20.20 -1.54
CA HIS D 113 33.89 -21.33 -1.07
C HIS D 113 34.83 -21.95 -2.09
N GLY D 114 34.87 -21.36 -3.27
CA GLY D 114 36.02 -21.50 -4.13
C GLY D 114 37.30 -21.00 -3.50
N GLY D 115 37.18 -20.18 -2.46
CA GLY D 115 38.34 -19.65 -1.77
C GLY D 115 39.23 -20.71 -1.13
N TRP D 116 38.64 -21.81 -0.69
CA TRP D 116 39.44 -22.92 -0.15
C TRP D 116 40.45 -23.43 -1.20
N VAL D 117 39.99 -23.51 -2.46
CA VAL D 117 40.83 -23.86 -3.58
C VAL D 117 41.88 -22.77 -3.81
N LEU D 118 41.47 -21.50 -3.73
CA LEU D 118 42.40 -20.39 -3.99
C LEU D 118 43.55 -20.35 -2.98
N VAL D 119 43.22 -20.48 -1.71
CA VAL D 119 44.25 -20.39 -0.65
C VAL D 119 45.23 -21.59 -0.75
N GLU D 120 44.69 -22.79 -0.91
CA GLU D 120 45.52 -23.99 -1.05
C GLU D 120 46.34 -23.95 -2.34
N LEU D 121 45.75 -23.37 -3.39
CA LEU D 121 46.46 -23.11 -4.63
C LEU D 121 47.64 -22.16 -4.42
N LEU D 122 47.43 -21.09 -3.64
CA LEU D 122 48.53 -20.19 -3.30
C LEU D 122 49.68 -20.94 -2.60
N GLU D 123 49.35 -21.81 -1.67
CA GLU D 123 50.34 -22.59 -0.95
C GLU D 123 51.09 -23.51 -1.92
N GLN D 124 50.34 -24.26 -2.70
CA GLN D 124 50.91 -25.29 -3.56
C GLN D 124 51.70 -24.71 -4.70
N ALA D 125 51.18 -23.64 -5.31
CA ALA D 125 51.85 -23.03 -6.45
C ALA D 125 53.03 -22.15 -6.05
N GLY D 126 52.98 -21.56 -4.85
CA GLY D 126 54.03 -20.68 -4.37
C GLY D 126 53.92 -19.26 -4.90
N PRO D 127 54.64 -18.31 -4.26
CA PRO D 127 54.51 -16.87 -4.57
C PRO D 127 55.06 -16.40 -5.91
N GLU D 128 55.93 -17.16 -6.56
CA GLU D 128 56.40 -16.76 -7.89
C GLU D 128 55.37 -17.08 -8.98
N ARG D 129 54.77 -18.26 -8.94
CA ARG D 129 53.67 -18.59 -9.87
C ARG D 129 52.37 -17.84 -9.56
N ALA D 130 52.09 -17.67 -8.27
CA ALA D 130 50.81 -17.11 -7.81
C ALA D 130 51.08 -16.02 -6.77
N PRO D 131 51.51 -14.84 -7.23
CA PRO D 131 52.01 -13.80 -6.33
C PRO D 131 50.92 -13.10 -5.51
N ARG D 132 49.68 -13.13 -5.97
CA ARG D 132 48.56 -12.49 -5.28
C ARG D 132 47.28 -13.29 -5.46
N GLY D 133 46.24 -12.92 -4.74
CA GLY D 133 44.93 -13.52 -4.97
C GLY D 133 43.82 -12.56 -4.61
N ILE D 134 42.68 -12.73 -5.26
CA ILE D 134 41.47 -12.02 -4.87
C ILE D 134 40.42 -13.05 -4.48
N ILE D 135 39.85 -12.87 -3.29
CA ILE D 135 38.73 -13.69 -2.82
C ILE D 135 37.46 -12.83 -2.83
N MET D 136 36.39 -13.35 -3.45
CA MET D 136 35.14 -12.64 -3.47
C MET D 136 34.13 -13.27 -2.54
N ASP D 137 33.49 -12.44 -1.75
CA ASP D 137 32.35 -12.81 -0.92
C ASP D 137 32.40 -14.22 -0.29
N TRP D 138 33.27 -14.37 0.68
CA TRP D 138 33.59 -15.64 1.31
C TRP D 138 33.53 -15.47 2.79
N LEU D 139 32.65 -16.23 3.45
CA LEU D 139 32.42 -16.13 4.88
C LEU D 139 33.69 -16.34 5.70
N MET D 140 34.20 -15.24 6.24
CA MET D 140 35.52 -15.20 6.89
C MET D 140 35.52 -15.77 8.30
N TRP D 141 34.39 -15.73 8.97
CA TRP D 141 34.26 -16.31 10.31
C TRP D 141 33.76 -17.74 10.20
N ALA D 142 33.92 -18.51 11.27
CA ALA D 142 33.39 -19.85 11.36
C ALA D 142 31.86 -19.82 11.33
N PRO D 143 31.22 -20.91 10.89
CA PRO D 143 29.80 -20.84 10.60
C PRO D 143 28.98 -20.38 11.80
N LYS D 144 28.14 -19.39 11.55
CA LYS D 144 27.07 -19.01 12.46
C LYS D 144 25.99 -20.07 12.40
N PRO D 145 25.05 -20.09 13.37
CA PRO D 145 24.00 -21.10 13.40
C PRO D 145 23.20 -21.30 12.09
N ASP D 146 22.77 -20.21 11.46
CA ASP D 146 21.97 -20.32 10.24
C ASP D 146 22.72 -21.04 9.11
N PHE D 147 23.97 -20.66 8.86
CA PHE D 147 24.77 -21.28 7.81
C PHE D 147 25.14 -22.72 8.17
N ALA D 148 25.48 -22.94 9.44
CA ALA D 148 25.75 -24.30 9.93
C ALA D 148 24.57 -25.22 9.68
N LYS D 149 23.38 -24.71 9.98
CA LYS D 149 22.13 -25.41 9.71
C LYS D 149 21.97 -25.73 8.21
N SER D 150 22.24 -24.74 7.35
CA SER D 150 22.22 -24.93 5.90
C SER D 150 23.13 -26.07 5.44
N LEU D 151 24.34 -26.12 5.98
CA LEU D 151 25.27 -27.20 5.64
C LEU D 151 24.72 -28.56 6.06
N THR D 152 24.14 -28.61 7.25
CA THR D 152 23.47 -29.81 7.74
C THR D 152 22.39 -30.26 6.76
N LEU D 153 21.60 -29.31 6.26
CA LEU D 153 20.52 -29.61 5.33
C LEU D 153 21.07 -30.12 3.99
N LEU D 154 22.15 -29.52 3.50
CA LEU D 154 22.72 -29.93 2.21
C LEU D 154 23.17 -31.40 2.27
N LYS D 155 23.69 -31.81 3.42
CA LYS D 155 24.20 -33.17 3.61
C LYS D 155 23.08 -34.22 3.68
N ASP D 156 21.87 -33.78 4.00
CA ASP D 156 20.72 -34.65 4.14
C ASP D 156 20.07 -35.01 2.79
N PRO D 157 20.09 -36.31 2.43
CA PRO D 157 19.47 -36.69 1.15
C PRO D 157 17.98 -36.37 1.06
N GLU D 158 17.31 -36.17 2.19
CA GLU D 158 15.88 -35.79 2.22
C GLU D 158 15.61 -34.28 2.23
N ARG D 159 16.63 -33.48 2.52
CA ARG D 159 16.40 -32.04 2.72
C ARG D 159 17.39 -31.16 1.99
N TRP D 160 18.17 -31.73 1.07
CA TRP D 160 19.21 -30.98 0.40
C TRP D 160 18.62 -29.80 -0.40
N ARG D 161 17.51 -30.03 -1.09
CA ARG D 161 16.94 -28.97 -1.95
C ARG D 161 16.42 -27.82 -1.09
N GLU D 162 15.79 -28.16 0.02
CA GLU D 162 15.39 -27.19 1.05
C GLU D 162 16.61 -26.39 1.53
N GLY D 163 17.73 -27.08 1.70
CA GLY D 163 19.00 -26.44 2.03
C GLY D 163 19.39 -25.37 1.01
N THR D 164 19.38 -25.74 -0.27
CA THR D 164 19.75 -24.82 -1.33
C THR D 164 18.81 -23.61 -1.37
N HIS D 165 17.53 -23.85 -1.12
CA HIS D 165 16.51 -22.77 -1.15
C HIS D 165 16.75 -21.74 -0.05
N GLY D 166 17.11 -22.23 1.13
CA GLY D 166 17.49 -21.37 2.23
C GLY D 166 18.70 -20.51 1.93
N LEU D 167 19.69 -21.08 1.22
CA LEU D 167 20.88 -20.34 0.85
C LEU D 167 20.54 -19.31 -0.22
N PHE D 168 19.69 -19.68 -1.17
CA PHE D 168 19.26 -18.72 -2.21
C PHE D 168 18.63 -17.50 -1.55
N ASP D 169 17.78 -17.70 -0.53
CA ASP D 169 17.16 -16.61 0.21
C ASP D 169 18.22 -15.68 0.82
N VAL D 170 19.20 -16.26 1.48
CA VAL D 170 20.28 -15.51 2.09
C VAL D 170 21.08 -14.73 1.04
N TRP D 171 21.46 -15.41 -0.04
CA TRP D 171 22.31 -14.81 -1.06
C TRP D 171 21.64 -13.64 -1.80
N LEU D 172 20.33 -13.75 -2.02
CA LEU D 172 19.57 -12.72 -2.71
C LEU D 172 19.27 -11.55 -1.79
N ASP D 173 19.22 -11.83 -0.49
CA ASP D 173 19.09 -10.80 0.57
C ASP D 173 17.92 -9.81 0.35
N GLY D 174 16.78 -10.34 -0.10
CA GLY D 174 15.58 -9.53 -0.28
C GLY D 174 15.52 -8.74 -1.57
N HIS D 175 16.42 -9.03 -2.50
CA HIS D 175 16.49 -8.31 -3.76
C HIS D 175 15.91 -9.10 -4.91
N ASP D 176 15.12 -8.41 -5.73
CA ASP D 176 14.69 -8.95 -7.01
C ASP D 176 15.77 -8.66 -8.06
N GLU D 177 16.89 -9.36 -7.92
CA GLU D 177 18.04 -9.15 -8.79
CA GLU D 177 18.04 -9.15 -8.80
C GLU D 177 17.98 -10.18 -9.92
N LYS D 178 17.53 -9.72 -11.09
CA LYS D 178 17.21 -10.59 -12.22
C LYS D 178 18.32 -11.57 -12.62
N ARG D 179 19.54 -11.06 -12.77
CA ARG D 179 20.67 -11.86 -13.21
C ARG D 179 21.13 -12.90 -12.20
N VAL D 180 21.06 -12.57 -10.92
CA VAL D 180 21.49 -13.50 -9.87
C VAL D 180 20.42 -14.56 -9.68
N ARG D 181 19.16 -14.15 -9.73
CA ARG D 181 18.05 -15.08 -9.69
C ARG D 181 18.16 -16.11 -10.83
N HIS D 182 18.48 -15.66 -12.02
CA HIS D 182 18.67 -16.56 -13.17
C HIS D 182 19.78 -17.57 -12.90
N HIS D 183 20.87 -17.07 -12.33
CA HIS D 183 22.00 -17.97 -12.02
C HIS D 183 21.59 -19.07 -11.04
N LEU D 184 20.92 -18.71 -9.94
CA LEU D 184 20.54 -19.66 -8.91
C LEU D 184 19.42 -20.62 -9.35
N LEU D 185 18.42 -20.10 -10.06
CA LEU D 185 17.22 -20.87 -10.34
C LEU D 185 17.29 -21.63 -11.67
N GLU D 186 18.08 -21.14 -12.61
CA GLU D 186 18.25 -21.78 -13.90
C GLU D 186 19.63 -22.41 -14.07
N GLU D 187 20.67 -21.66 -13.78
CA GLU D 187 22.04 -22.12 -14.02
C GLU D 187 22.57 -23.10 -12.96
N MET D 188 21.90 -23.20 -11.81
CA MET D 188 22.22 -24.25 -10.82
C MET D 188 21.18 -25.38 -10.77
N ALA D 189 20.17 -25.30 -11.62
CA ALA D 189 19.03 -26.21 -11.55
C ALA D 189 19.38 -27.67 -11.83
N ASP D 190 20.41 -27.92 -12.64
CA ASP D 190 20.77 -29.29 -13.03
C ASP D 190 21.68 -29.98 -12.00
N TYR D 191 22.08 -29.26 -10.95
CA TYR D 191 22.97 -29.84 -9.94
C TYR D 191 22.11 -30.55 -8.89
N GLY D 192 22.53 -31.77 -8.51
CA GLY D 192 21.75 -32.58 -7.59
C GLY D 192 22.43 -32.83 -6.26
N TYR D 193 21.87 -33.78 -5.51
CA TYR D 193 22.40 -34.13 -4.17
C TYR D 193 23.85 -34.60 -4.19
N ASP D 194 24.28 -35.22 -5.29
CA ASP D 194 25.67 -35.68 -5.35
C ASP D 194 26.63 -34.51 -5.13
N CYS D 195 26.28 -33.35 -5.67
CA CYS D 195 27.14 -32.16 -5.54
C CYS D 195 26.87 -31.44 -4.23
N TRP D 196 25.61 -31.17 -3.96
CA TRP D 196 25.23 -30.33 -2.84
C TRP D 196 25.58 -31.01 -1.51
N GLY D 197 25.35 -32.32 -1.44
CA GLY D 197 25.79 -33.07 -0.27
C GLY D 197 27.29 -33.02 -0.10
N ARG D 198 28.02 -33.19 -1.21
CA ARG D 198 29.47 -33.09 -1.21
C ARG D 198 29.98 -31.73 -0.70
N SER D 199 29.41 -30.67 -1.25
CA SER D 199 29.77 -29.30 -0.85
C SER D 199 29.56 -29.07 0.64
N GLY D 200 28.46 -29.59 1.16
CA GLY D 200 28.18 -29.51 2.58
C GLY D 200 29.26 -30.17 3.42
N ARG D 201 29.65 -31.39 3.02
CA ARG D 201 30.66 -32.16 3.74
CA ARG D 201 30.66 -32.15 3.76
C ARG D 201 32.05 -31.51 3.65
N VAL D 202 32.40 -31.08 2.45
CA VAL D 202 33.70 -30.45 2.22
C VAL D 202 33.83 -29.12 2.96
N ILE D 203 32.80 -28.27 2.89
CA ILE D 203 32.88 -26.93 3.50
C ILE D 203 32.89 -27.04 5.01
N GLU D 204 32.01 -27.90 5.55
CA GLU D 204 31.99 -28.18 6.94
C GLU D 204 33.33 -28.70 7.46
N ASP D 205 33.92 -29.64 6.74
CA ASP D 205 35.24 -30.17 7.09
C ASP D 205 36.36 -29.14 6.98
N ALA D 206 36.28 -28.25 5.98
CA ALA D 206 37.31 -27.22 5.79
C ALA D 206 37.35 -26.24 6.96
N TYR D 207 36.19 -25.79 7.40
CA TYR D 207 36.10 -24.93 8.57
C TYR D 207 36.61 -25.70 9.79
N GLY D 208 36.11 -26.92 9.96
CA GLY D 208 36.52 -27.76 11.09
C GLY D 208 38.03 -27.96 11.15
N ARG D 209 38.61 -28.28 10.00
CA ARG D 209 40.04 -28.54 9.87
C ARG D 209 40.91 -27.29 9.94
N ASN D 210 40.54 -26.25 9.20
CA ASN D 210 41.38 -25.05 9.07
C ASN D 210 40.96 -23.92 10.01
N GLY D 211 39.81 -24.09 10.68
CA GLY D 211 39.28 -23.06 11.57
C GLY D 211 38.42 -22.04 10.85
N SER D 212 39.04 -21.31 9.92
CA SER D 212 38.36 -20.30 9.12
C SER D 212 39.22 -19.95 7.92
N PRO D 213 38.63 -19.23 6.93
CA PRO D 213 39.42 -18.67 5.84
C PRO D 213 40.54 -17.74 6.29
N MET D 214 40.29 -16.95 7.32
CA MET D 214 41.31 -16.11 7.92
C MET D 214 42.47 -16.92 8.57
N GLN D 215 42.15 -17.96 9.34
CA GLN D 215 43.20 -18.79 9.93
CA GLN D 215 43.18 -18.81 9.93
C GLN D 215 44.07 -19.45 8.86
N MET D 216 43.42 -20.00 7.84
CA MET D 216 44.10 -20.65 6.71
C MET D 216 45.05 -19.70 5.99
N MET D 217 44.61 -18.46 5.74
CA MET D 217 45.46 -17.49 5.03
C MET D 217 46.66 -17.10 5.87
N ALA D 218 46.42 -16.80 7.15
CA ALA D 218 47.49 -16.43 8.06
C ALA D 218 48.51 -17.56 8.23
N ASN D 219 48.07 -18.80 8.03
CA ASN D 219 48.94 -19.96 8.13
C ASN D 219 49.71 -20.32 6.88
N LEU D 220 49.57 -19.53 5.81
CA LEU D 220 50.33 -19.75 4.58
C LEU D 220 51.82 -19.68 4.87
N THR D 221 52.58 -20.61 4.28
CA THR D 221 54.04 -20.63 4.46
C THR D 221 54.66 -19.34 3.96
N LYS D 222 54.18 -18.89 2.80
CA LYS D 222 54.56 -17.62 2.20
C LYS D 222 53.31 -16.71 2.07
N THR D 223 53.13 -15.76 2.99
CA THR D 223 52.04 -14.79 2.86
C THR D 223 52.33 -13.82 1.72
N ARG D 224 51.25 -13.25 1.19
CA ARG D 224 51.21 -12.59 -0.10
C ARG D 224 50.03 -11.66 -0.11
N PRO D 225 50.05 -10.63 -0.98
CA PRO D 225 48.86 -9.78 -1.10
C PRO D 225 47.56 -10.51 -1.46
N ILE D 226 46.58 -10.43 -0.56
CA ILE D 226 45.26 -10.99 -0.79
C ILE D 226 44.23 -9.90 -0.44
N ARG D 227 43.27 -9.67 -1.34
CA ARG D 227 42.18 -8.80 -1.04
C ARG D 227 40.85 -9.55 -1.02
N HIS D 228 40.05 -9.28 0.01
CA HIS D 228 38.69 -9.79 0.08
C HIS D 228 37.73 -8.71 -0.37
N ILE D 229 37.04 -8.96 -1.48
CA ILE D 229 36.04 -8.01 -1.98
C ILE D 229 34.67 -8.66 -1.83
N PHE D 230 33.75 -7.97 -1.17
CA PHE D 230 32.47 -8.57 -0.78
C PHE D 230 31.32 -7.55 -0.68
N SER D 231 30.11 -8.05 -0.89
CA SER D 231 28.90 -7.25 -0.67
C SER D 231 28.14 -7.70 0.58
N GLN D 232 28.30 -8.98 0.94
N GLN D 232 28.28 -8.97 0.95
CA GLN D 232 27.56 -9.55 2.06
CA GLN D 232 27.57 -9.54 2.09
C GLN D 232 28.48 -10.41 2.95
C GLN D 232 28.51 -10.36 2.96
N PRO D 233 28.11 -10.62 4.22
CA PRO D 233 26.97 -10.02 4.93
C PRO D 233 27.15 -8.51 5.10
N THR D 234 26.07 -7.77 5.32
CA THR D 234 26.12 -6.32 5.33
C THR D 234 26.28 -5.70 6.74
N GLU D 235 26.31 -6.54 7.79
CA GLU D 235 26.37 -6.05 9.17
C GLU D 235 27.72 -5.43 9.51
N PRO D 236 27.72 -4.42 10.39
CA PRO D 236 28.99 -3.82 10.87
C PRO D 236 29.93 -4.80 11.59
N GLU D 237 29.39 -5.81 12.28
CA GLU D 237 30.23 -6.81 12.95
C GLU D 237 31.09 -7.59 11.95
N TYR D 238 30.58 -7.78 10.73
CA TYR D 238 31.33 -8.50 9.70
C TYR D 238 32.45 -7.62 9.12
N GLU D 239 32.15 -6.37 8.84
CA GLU D 239 33.17 -5.47 8.35
C GLU D 239 34.28 -5.34 9.38
N LYS D 240 33.90 -5.35 10.65
CA LYS D 240 34.86 -5.25 11.72
C LYS D 240 35.89 -6.39 11.77
N ILE D 241 35.47 -7.62 11.49
CA ILE D 241 36.46 -8.72 11.50
C ILE D 241 37.40 -8.60 10.32
N ASN D 242 36.92 -8.03 9.21
CA ASN D 242 37.78 -7.74 8.06
C ASN D 242 38.77 -6.60 8.35
N SER D 243 38.27 -5.52 8.93
CA SER D 243 39.13 -4.40 9.35
C SER D 243 40.17 -4.83 10.38
N ASP D 244 39.76 -5.62 11.38
CA ASP D 244 40.70 -6.14 12.38
C ASP D 244 41.78 -7.05 11.80
N PHE D 245 41.39 -7.95 10.89
CA PHE D 245 42.36 -8.82 10.23
C PHE D 245 43.34 -7.99 9.37
N ALA D 246 42.83 -6.97 8.69
CA ALA D 246 43.64 -6.13 7.81
C ALA D 246 44.61 -5.25 8.61
N GLU D 247 44.15 -4.79 9.77
CA GLU D 247 45.01 -4.10 10.73
C GLU D 247 46.21 -4.97 11.13
N GLN D 248 45.96 -6.26 11.32
CA GLN D 248 46.98 -7.15 11.85
C GLN D 248 47.96 -7.66 10.78
N HIS D 249 47.50 -7.76 9.54
CA HIS D 249 48.28 -8.38 8.48
C HIS D 249 48.49 -7.42 7.34
N PRO D 250 49.73 -6.91 7.14
CA PRO D 250 50.05 -5.96 6.09
C PRO D 250 49.62 -6.42 4.70
N TRP D 251 49.61 -7.74 4.48
CA TRP D 251 49.33 -8.31 3.15
C TRP D 251 47.84 -8.48 2.84
N PHE D 252 46.98 -8.36 3.86
CA PHE D 252 45.53 -8.45 3.66
C PHE D 252 44.88 -7.09 3.49
N SER D 253 43.98 -6.98 2.52
CA SER D 253 43.14 -5.80 2.35
C SER D 253 41.73 -6.26 2.05
N TYR D 254 40.78 -5.35 2.11
CA TYR D 254 39.42 -5.66 1.72
C TYR D 254 38.73 -4.45 1.10
N ALA D 255 37.63 -4.69 0.41
CA ALA D 255 36.78 -3.64 -0.09
C ALA D 255 35.32 -4.08 -0.05
N LYS D 256 34.48 -3.27 0.58
CA LYS D 256 33.06 -3.53 0.59
C LYS D 256 32.50 -2.93 -0.69
N LEU D 257 31.99 -3.80 -1.55
CA LEU D 257 31.55 -3.39 -2.88
C LEU D 257 30.13 -2.82 -2.93
N GLY D 258 29.30 -3.08 -1.93
CA GLY D 258 27.96 -2.46 -1.87
C GLY D 258 26.94 -2.96 -2.87
N GLY D 259 27.18 -4.15 -3.44
CA GLY D 259 26.23 -4.77 -4.36
C GLY D 259 25.09 -5.38 -3.57
N PRO D 260 24.00 -5.75 -4.24
CA PRO D 260 22.83 -6.22 -3.51
C PRO D 260 22.95 -7.67 -3.03
N THR D 261 23.63 -8.52 -3.79
CA THR D 261 23.62 -9.96 -3.51
C THR D 261 25.01 -10.48 -3.13
N ALA D 262 25.05 -11.76 -2.77
CA ALA D 262 26.30 -12.43 -2.43
C ALA D 262 27.09 -12.81 -3.70
N PHE D 263 26.66 -12.36 -4.88
CA PHE D 263 27.32 -12.65 -6.15
C PHE D 263 27.82 -11.41 -6.90
N PRO D 264 28.86 -10.75 -6.36
CA PRO D 264 29.31 -9.52 -7.04
C PRO D 264 29.87 -9.72 -8.44
N ALA D 265 30.39 -10.92 -8.73
CA ALA D 265 30.82 -11.22 -10.08
C ALA D 265 29.70 -11.00 -11.09
N ILE D 266 28.45 -11.27 -10.64
CA ILE D 266 27.27 -11.10 -11.47
C ILE D 266 26.67 -9.70 -11.38
N ASP D 267 26.48 -9.20 -10.16
CA ASP D 267 25.73 -7.95 -10.02
C ASP D 267 26.56 -6.66 -9.98
N VAL D 268 27.87 -6.75 -9.76
CA VAL D 268 28.75 -5.60 -9.88
C VAL D 268 30.05 -5.97 -10.57
N PRO D 269 29.94 -6.55 -11.78
CA PRO D 269 31.11 -7.09 -12.49
C PRO D 269 32.18 -6.06 -12.80
N ASP D 270 31.76 -4.84 -13.09
CA ASP D 270 32.68 -3.73 -13.32
C ASP D 270 33.54 -3.45 -12.08
N ARG D 271 32.93 -3.52 -10.90
CA ARG D 271 33.66 -3.27 -9.65
C ARG D 271 34.63 -4.42 -9.35
N ALA D 272 34.16 -5.65 -9.49
CA ALA D 272 35.03 -6.80 -9.30
C ALA D 272 36.23 -6.67 -10.24
N ALA D 273 35.97 -6.25 -11.46
CA ALA D 273 36.99 -6.13 -12.47
C ALA D 273 38.09 -5.11 -12.13
N VAL D 274 37.73 -3.96 -11.55
CA VAL D 274 38.73 -2.92 -11.28
CA VAL D 274 38.70 -2.90 -11.24
C VAL D 274 39.71 -3.38 -10.19
N HIS D 275 39.23 -4.20 -9.25
CA HIS D 275 40.10 -4.78 -8.20
C HIS D 275 41.03 -5.85 -8.76
N ILE D 276 40.50 -6.66 -9.66
CA ILE D 276 41.29 -7.65 -10.40
C ILE D 276 42.37 -6.95 -11.25
N ARG D 277 41.99 -5.93 -12.02
CA ARG D 277 42.98 -5.17 -12.81
C ARG D 277 44.07 -4.53 -11.96
N GLU D 278 43.69 -4.04 -10.79
CA GLU D 278 44.64 -3.43 -9.88
C GLU D 278 45.72 -4.43 -9.47
N PHE D 279 45.30 -5.63 -9.11
CA PHE D 279 46.23 -6.69 -8.70
C PHE D 279 47.08 -7.19 -9.87
N ALA D 280 46.47 -7.31 -11.05
CA ALA D 280 47.22 -7.72 -12.25
C ALA D 280 48.27 -6.68 -12.64
N THR D 281 47.90 -5.40 -12.53
CA THR D 281 48.83 -4.30 -12.79
C THR D 281 50.00 -4.29 -11.81
N ALA D 282 49.71 -4.55 -10.53
CA ALA D 282 50.73 -4.62 -9.51
C ALA D 282 51.72 -5.76 -9.79
N ILE D 283 51.20 -6.90 -10.23
CA ILE D 283 52.04 -8.06 -10.57
C ILE D 283 52.97 -7.70 -11.73
N ARG D 284 52.40 -7.06 -12.76
CA ARG D 284 53.19 -6.62 -13.91
C ARG D 284 54.31 -5.62 -13.58
N GLN D 285 54.21 -4.95 -12.43
CA GLN D 285 55.26 -4.04 -11.97
C GLN D 285 56.14 -4.64 -10.86
N GLY D 286 56.70 -5.81 -11.09
CA GLY D 286 57.60 -6.44 -10.14
C GLY D 286 56.87 -7.24 -9.07
#